data_5ZWQ
#
_entry.id   5ZWQ
#
_cell.length_a   122.280
_cell.length_b   122.280
_cell.length_c   155.238
_cell.angle_alpha   90.00
_cell.angle_beta   90.00
_cell.angle_gamma   90.00
#
_symmetry.space_group_name_H-M   'I 4'
#
loop_
_entity.id
_entity.type
_entity.pdbx_description
1 polymer Est-Y29
2 non-polymer GLYCEROL
3 non-polymer 'ethyl (2S)-2-[3-(benzenecarbonyl)phenyl]propanoate'
4 water water
#
_entity_poly.entity_id   1
_entity_poly.type   'polypeptide(L)'
_entity_poly.pdbx_seq_one_letter_code
;MRGSHHHHHHGSMPDLLTNVAENYVNQDLFAGIEWRIDQDGKPIFQGCAGVKDIETRTFIPKNAIYRIYSMTKPIVSFLA
MMLIERGVFRLSSPIQNFDPRFKSMKVIDQHAHIEPATALITIEHLLTHQAGFSYDFSLGCPISAHYRDAQLIEDGGRDL
TDMMGVLAELPLVFHPGTQWKYSISTDVLAHIIECATGERVDDLLQRLIFDPLDMQDTGFSLPLDGASRLMEVYGMRSLH
GLPALKPAPHVLVPADLGSSHPTDDPDFRRGGHGLYSTLDDYMAFANMLLSGQTPEGETLLSPAVLKLALAPRVHFGARG
MRINDEPFAGYSWNLLGRVMTDVGAAAYATHLGEFGWSGVAATYFWVDPTKNMTGCVMTQFLGSQHPIGSDMQAAAMSML
G
;
_entity_poly.pdbx_strand_id   A,B
#
# COMPACT_ATOMS: atom_id res chain seq x y z
N PRO A 14 38.69 26.19 -13.87
CA PRO A 14 37.40 26.90 -13.77
C PRO A 14 36.62 26.51 -12.52
N ASP A 15 35.79 27.42 -12.05
CA ASP A 15 35.00 27.23 -10.83
C ASP A 15 33.74 26.45 -11.19
N LEU A 16 33.88 25.12 -11.26
CA LEU A 16 32.75 24.29 -11.68
C LEU A 16 31.59 24.39 -10.72
N LEU A 17 31.89 24.52 -9.43
CA LEU A 17 30.84 24.63 -8.41
C LEU A 17 29.97 25.85 -8.65
N THR A 18 30.58 27.02 -8.82
CA THR A 18 29.79 28.20 -9.15
C THR A 18 28.98 27.98 -10.42
N ASN A 19 29.56 27.37 -11.45
CA ASN A 19 28.81 27.22 -12.70
C ASN A 19 27.56 26.38 -12.51
N VAL A 20 27.68 25.28 -11.75
CA VAL A 20 26.53 24.42 -11.45
C VAL A 20 25.46 25.20 -10.70
N ALA A 21 25.86 25.82 -9.59
CA ALA A 21 24.90 26.55 -8.75
C ALA A 21 24.24 27.68 -9.54
N GLU A 22 25.03 28.45 -10.29
CA GLU A 22 24.44 29.55 -11.02
C GLU A 22 23.49 29.04 -12.10
N ASN A 23 23.82 27.92 -12.73
CA ASN A 23 22.92 27.41 -13.75
C ASN A 23 21.60 26.98 -13.13
N TYR A 24 21.67 26.37 -11.94
CA TYR A 24 20.44 25.97 -11.25
C TYR A 24 19.58 27.17 -10.88
N VAL A 25 20.20 28.27 -10.43
CA VAL A 25 19.43 29.46 -10.09
C VAL A 25 18.87 30.10 -11.35
N ASN A 26 19.70 30.22 -12.39
CA ASN A 26 19.26 30.88 -13.62
C ASN A 26 18.18 30.08 -14.35
N GLN A 27 18.09 28.77 -14.15
CA GLN A 27 17.04 27.99 -14.78
C GLN A 27 15.79 27.90 -13.91
N ASP A 28 15.72 28.71 -12.86
CA ASP A 28 14.55 28.79 -11.98
C ASP A 28 14.26 27.45 -11.30
N LEU A 29 15.32 26.70 -10.99
CA LEU A 29 15.13 25.39 -10.37
C LEU A 29 15.33 25.42 -8.86
N PHE A 30 16.17 26.32 -8.37
CA PHE A 30 16.44 26.49 -6.95
C PHE A 30 16.46 27.99 -6.66
N ALA A 31 15.91 28.38 -5.50
CA ALA A 31 15.89 29.80 -5.17
C ALA A 31 17.27 30.29 -4.75
N GLY A 32 17.94 29.54 -3.89
CA GLY A 32 19.17 29.97 -3.25
C GLY A 32 20.01 28.77 -2.84
N ILE A 33 21.32 28.85 -3.05
CA ILE A 33 22.22 27.73 -2.79
C ILE A 33 23.46 28.28 -2.09
N GLU A 34 23.91 27.61 -1.01
CA GLU A 34 25.23 27.84 -0.44
C GLU A 34 26.05 26.56 -0.46
N TRP A 35 27.36 26.68 -0.59
CA TRP A 35 28.22 25.50 -0.52
C TRP A 35 29.54 25.87 0.12
N ARG A 36 30.16 24.88 0.73
CA ARG A 36 31.51 24.98 1.22
C ARG A 36 32.17 23.62 1.16
N ILE A 37 33.44 23.61 0.75
CA ILE A 37 34.28 22.42 0.69
C ILE A 37 35.53 22.72 1.51
N ASP A 38 35.84 21.87 2.48
CA ASP A 38 37.03 22.01 3.31
C ASP A 38 38.03 20.93 2.98
N GLN A 39 39.30 21.24 3.14
CA GLN A 39 40.32 20.22 3.10
C GLN A 39 41.21 20.46 4.29
N ASP A 40 41.52 19.40 5.03
CA ASP A 40 42.36 19.53 6.23
C ASP A 40 41.72 20.50 7.23
N GLY A 41 40.40 20.54 7.28
CA GLY A 41 39.71 21.34 8.28
C GLY A 41 39.58 22.81 7.95
N LYS A 42 39.97 23.24 6.76
CA LYS A 42 39.82 24.64 6.41
C LYS A 42 39.26 24.80 5.00
N PRO A 43 38.47 25.85 4.76
CA PRO A 43 37.77 25.99 3.48
C PRO A 43 38.74 26.11 2.31
N ILE A 44 38.43 25.38 1.22
CA ILE A 44 39.14 25.58 -0.03
C ILE A 44 38.24 26.13 -1.14
N PHE A 45 36.96 25.73 -1.18
CA PHE A 45 35.99 26.32 -2.10
C PHE A 45 34.73 26.70 -1.35
N GLN A 46 34.13 27.82 -1.74
CA GLN A 46 32.88 28.20 -1.11
C GLN A 46 32.17 29.23 -1.96
N GLY A 47 30.87 29.31 -1.79
CA GLY A 47 30.13 30.30 -2.55
C GLY A 47 28.67 30.25 -2.21
N CYS A 48 27.94 31.12 -2.91
CA CYS A 48 26.48 31.17 -2.77
C CYS A 48 25.91 31.64 -4.10
N ALA A 49 24.65 31.31 -4.36
CA ALA A 49 23.98 31.74 -5.57
C ALA A 49 22.51 31.94 -5.26
N GLY A 50 21.90 32.92 -5.94
CA GLY A 50 20.48 33.14 -5.77
C GLY A 50 20.11 33.90 -4.51
N VAL A 51 18.93 33.61 -3.98
CA VAL A 51 18.31 34.43 -2.94
C VAL A 51 17.71 33.56 -1.84
N LYS A 52 17.37 34.21 -0.72
CA LYS A 52 16.64 33.53 0.34
C LYS A 52 15.27 33.09 -0.11
N ASP A 53 14.58 33.95 -0.85
CA ASP A 53 13.20 33.68 -1.27
C ASP A 53 12.97 34.48 -2.53
N ILE A 54 12.30 33.87 -3.52
CA ILE A 54 12.08 34.57 -4.79
C ILE A 54 10.97 35.60 -4.70
N GLU A 55 10.16 35.58 -3.65
CA GLU A 55 9.03 36.49 -3.55
C GLU A 55 9.51 37.92 -3.31
N THR A 56 10.46 38.09 -2.40
CA THR A 56 11.04 39.40 -2.11
C THR A 56 12.47 39.55 -2.62
N ARG A 57 13.11 38.46 -3.05
CA ARG A 57 14.49 38.49 -3.57
C ARG A 57 15.45 39.09 -2.54
N THR A 58 15.19 38.77 -1.28
CA THR A 58 16.17 39.01 -0.23
C THR A 58 17.41 38.15 -0.44
N PHE A 59 18.61 38.74 -0.33
CA PHE A 59 19.83 37.94 -0.45
C PHE A 59 19.88 36.88 0.66
N ILE A 60 20.61 35.81 0.41
CA ILE A 60 20.83 34.78 1.42
C ILE A 60 21.49 35.43 2.64
N PRO A 61 20.91 35.35 3.82
CA PRO A 61 21.47 36.07 4.98
C PRO A 61 22.72 35.38 5.52
N LYS A 62 23.48 36.16 6.28
CA LYS A 62 24.56 35.59 7.08
C LYS A 62 24.00 34.53 8.03
N ASN A 63 24.67 33.38 8.11
CA ASN A 63 24.21 32.22 8.92
C ASN A 63 22.77 31.82 8.57
N ALA A 64 22.50 31.65 7.28
CA ALA A 64 21.17 31.24 6.83
C ALA A 64 20.85 29.86 7.39
N ILE A 65 19.57 29.64 7.71
CA ILE A 65 19.11 28.40 8.36
C ILE A 65 18.33 27.53 7.38
N TYR A 66 18.61 26.21 7.41
CA TYR A 66 18.03 25.24 6.49
C TYR A 66 17.36 24.14 7.29
N ARG A 67 16.23 23.66 6.77
CA ARG A 67 15.67 22.40 7.25
C ARG A 67 16.45 21.27 6.60
N ILE A 68 17.18 20.49 7.40
CA ILE A 68 18.14 19.54 6.84
C ILE A 68 17.54 18.14 6.68
N TYR A 69 16.28 17.93 7.09
CA TYR A 69 15.59 16.65 6.99
C TYR A 69 16.54 15.49 7.36
N SER A 70 16.76 14.50 6.46
CA SER A 70 17.48 13.29 6.89
C SER A 70 19.00 13.49 7.08
N MET A 71 19.55 14.68 6.86
CA MET A 71 20.86 14.93 7.42
C MET A 71 20.82 15.05 8.95
N THR A 72 19.61 14.97 9.54
CA THR A 72 19.49 14.68 10.97
C THR A 72 20.00 13.26 11.29
N LYS A 73 19.84 12.31 10.36
CA LYS A 73 20.14 10.92 10.73
C LYS A 73 21.61 10.66 11.06
N PRO A 74 22.60 11.17 10.34
CA PRO A 74 23.98 10.88 10.76
C PRO A 74 24.30 11.47 12.11
N ILE A 75 23.68 12.59 12.47
CA ILE A 75 23.90 13.20 13.79
C ILE A 75 23.34 12.30 14.89
N VAL A 76 22.09 11.86 14.73
CA VAL A 76 21.48 11.01 15.75
C VAL A 76 22.19 9.66 15.79
N SER A 77 22.62 9.15 14.62
CA SER A 77 23.38 7.91 14.62
C SER A 77 24.70 8.06 15.32
N PHE A 78 25.38 9.18 15.11
CA PHE A 78 26.64 9.41 15.81
C PHE A 78 26.42 9.44 17.31
N LEU A 79 25.35 10.11 17.74
CA LEU A 79 24.99 10.09 19.16
C LEU A 79 24.82 8.67 19.66
N ALA A 80 24.14 7.82 18.89
CA ALA A 80 23.98 6.43 19.32
C ALA A 80 25.35 5.75 19.50
N MET A 81 26.31 6.02 18.58
CA MET A 81 27.62 5.40 18.72
C MET A 81 28.34 5.89 19.98
N MET A 82 28.20 7.20 20.30
CA MET A 82 28.76 7.68 21.56
C MET A 82 28.16 6.92 22.74
N LEU A 83 26.85 6.68 22.70
CA LEU A 83 26.25 5.99 23.84
C LEU A 83 26.67 4.52 23.90
N ILE A 84 26.86 3.88 22.74
CA ILE A 84 27.43 2.53 22.72
C ILE A 84 28.81 2.55 23.34
N GLU A 85 29.64 3.53 22.95
CA GLU A 85 31.00 3.61 23.50
C GLU A 85 30.96 3.74 25.02
N ARG A 86 29.99 4.50 25.53
CA ARG A 86 29.87 4.76 26.97
C ARG A 86 29.13 3.66 27.70
N GLY A 87 28.73 2.59 27.01
CA GLY A 87 28.12 1.46 27.68
C GLY A 87 26.63 1.54 27.93
N VAL A 88 25.93 2.52 27.38
CA VAL A 88 24.49 2.66 27.62
C VAL A 88 23.73 1.48 27.02
N PHE A 89 24.11 1.07 25.82
CA PHE A 89 23.55 -0.12 25.19
C PHE A 89 24.57 -0.60 24.15
N ARG A 90 24.24 -1.66 23.44
CA ARG A 90 25.17 -2.16 22.42
C ARG A 90 24.40 -2.50 21.14
N LEU A 91 25.15 -2.71 20.07
CA LEU A 91 24.52 -2.94 18.75
C LEU A 91 23.52 -4.08 18.83
N SER A 92 23.83 -5.10 19.62
CA SER A 92 22.97 -6.27 19.69
C SER A 92 21.81 -6.11 20.66
N SER A 93 21.71 -4.97 21.36
CA SER A 93 20.64 -4.79 22.37
C SER A 93 19.25 -4.84 21.74
N PRO A 94 18.38 -5.74 22.19
CA PRO A 94 16.98 -5.69 21.73
C PRO A 94 16.29 -4.42 22.21
N ILE A 95 15.62 -3.72 21.29
CA ILE A 95 14.98 -2.46 21.69
C ILE A 95 13.82 -2.71 22.64
N GLN A 96 13.22 -3.91 22.64
CA GLN A 96 12.11 -4.14 23.55
C GLN A 96 12.56 -4.12 25.01
N ASN A 97 13.85 -4.31 25.27
CA ASN A 97 14.36 -4.19 26.65
C ASN A 97 14.19 -2.78 27.19
N PHE A 98 14.13 -1.78 26.30
CA PHE A 98 14.01 -0.38 26.73
C PHE A 98 12.60 0.16 26.57
N ASP A 99 11.84 -0.32 25.60
CA ASP A 99 10.43 0.01 25.46
C ASP A 99 9.67 -1.27 25.12
N PRO A 100 8.95 -1.85 26.09
CA PRO A 100 8.23 -3.11 25.82
C PRO A 100 7.07 -2.98 24.85
N ARG A 101 6.69 -1.76 24.44
CA ARG A 101 5.67 -1.66 23.40
C ARG A 101 6.15 -2.28 22.10
N PHE A 102 7.47 -2.46 21.95
CA PHE A 102 8.02 -3.13 20.78
C PHE A 102 8.26 -4.62 21.00
N LYS A 103 7.72 -5.22 22.06
CA LYS A 103 7.64 -6.68 22.12
C LYS A 103 6.57 -7.14 21.13
N SER A 104 6.70 -8.39 20.67
CA SER A 104 5.64 -9.01 19.89
C SER A 104 5.29 -8.19 18.64
N MET A 105 6.30 -7.90 17.83
CA MET A 105 6.02 -7.29 16.54
C MET A 105 5.44 -8.31 15.58
N LYS A 106 4.65 -7.83 14.63
CA LYS A 106 4.14 -8.63 13.52
C LYS A 106 4.76 -8.14 12.22
N VAL A 107 4.67 -8.98 11.18
CA VAL A 107 5.19 -8.66 9.86
C VAL A 107 4.07 -8.84 8.84
N ILE A 108 3.87 -7.84 7.97
CA ILE A 108 2.88 -7.93 6.89
C ILE A 108 3.58 -8.05 5.54
N ASP A 109 2.93 -8.71 4.58
CA ASP A 109 3.52 -8.77 3.24
C ASP A 109 2.51 -8.27 2.21
N GLN A 110 2.96 -8.20 0.94
CA GLN A 110 2.18 -7.63 -0.14
C GLN A 110 1.01 -8.50 -0.54
N HIS A 111 0.89 -9.69 0.04
CA HIS A 111 -0.25 -10.59 -0.19
C HIS A 111 -1.22 -10.61 1.00
N ALA A 112 -1.20 -9.58 1.85
CA ALA A 112 -2.11 -9.40 2.99
C ALA A 112 -1.84 -10.39 4.12
N HIS A 113 -0.74 -11.12 4.06
CA HIS A 113 -0.43 -12.12 5.08
C HIS A 113 0.30 -11.46 6.22
N ILE A 114 -0.12 -11.76 7.46
CA ILE A 114 0.50 -11.21 8.66
C ILE A 114 0.93 -12.37 9.55
N GLU A 115 2.13 -12.24 10.12
CA GLU A 115 2.63 -13.28 11.02
C GLU A 115 3.55 -12.62 12.06
N PRO A 116 3.79 -13.31 13.19
CA PRO A 116 4.75 -12.78 14.17
C PRO A 116 6.14 -12.66 13.58
N ALA A 117 6.83 -11.58 13.96
CA ALA A 117 8.25 -11.42 13.65
C ALA A 117 9.06 -12.55 14.27
N THR A 118 9.99 -13.12 13.51
CA THR A 118 10.80 -14.21 14.03
C THR A 118 12.14 -13.77 14.60
N ALA A 119 12.41 -12.47 14.68
CA ALA A 119 13.64 -11.97 15.28
C ALA A 119 13.29 -10.68 16.00
N LEU A 120 14.00 -10.41 17.10
CA LEU A 120 13.83 -9.15 17.83
C LEU A 120 14.56 -8.00 17.12
N ILE A 121 13.96 -6.81 17.14
CA ILE A 121 14.66 -5.63 16.60
C ILE A 121 15.77 -5.21 17.54
N THR A 122 16.96 -4.95 17.01
CA THR A 122 18.10 -4.49 17.78
C THR A 122 18.47 -3.05 17.40
N ILE A 123 19.33 -2.46 18.23
CA ILE A 123 19.93 -1.16 17.93
C ILE A 123 20.58 -1.18 16.57
N GLU A 124 21.35 -2.25 16.29
CA GLU A 124 21.99 -2.33 14.98
C GLU A 124 20.97 -2.31 13.86
N HIS A 125 19.85 -3.03 14.02
CA HIS A 125 18.83 -3.01 12.98
C HIS A 125 18.33 -1.60 12.74
N LEU A 126 18.13 -0.83 13.81
CA LEU A 126 17.68 0.56 13.64
C LEU A 126 18.69 1.37 12.86
N LEU A 127 19.97 1.25 13.24
CA LEU A 127 20.99 2.05 12.58
C LEU A 127 21.22 1.63 11.14
N THR A 128 20.85 0.39 10.77
CA THR A 128 21.06 -0.06 9.40
C THR A 128 19.79 -0.09 8.56
N HIS A 129 18.64 0.37 9.09
CA HIS A 129 17.35 0.30 8.37
C HIS A 129 17.06 -1.14 7.96
N GLN A 130 17.47 -2.09 8.81
CA GLN A 130 17.12 -3.50 8.60
C GLN A 130 16.11 -3.97 9.63
N ALA A 131 15.42 -3.04 10.30
CA ALA A 131 14.50 -3.45 11.36
C ALA A 131 13.14 -3.87 10.80
N GLY A 132 12.83 -3.51 9.57
CA GLY A 132 11.52 -3.81 9.01
C GLY A 132 10.53 -2.68 9.06
N PHE A 133 10.90 -1.54 9.65
CA PHE A 133 10.01 -0.38 9.57
C PHE A 133 9.93 0.16 8.14
N SER A 134 8.92 0.98 7.88
CA SER A 134 8.85 1.64 6.57
C SER A 134 8.80 3.15 6.77
N TYR A 135 8.05 3.86 5.94
CA TYR A 135 7.96 5.31 6.00
C TYR A 135 6.63 5.71 5.37
N ASP A 136 6.05 6.82 5.86
CA ASP A 136 4.72 7.21 5.43
C ASP A 136 4.65 7.41 3.92
N PHE A 137 5.71 7.97 3.35
CA PHE A 137 5.73 8.37 1.95
C PHE A 137 6.25 7.28 1.02
N SER A 138 6.37 6.04 1.53
CA SER A 138 6.95 4.96 0.72
C SER A 138 5.91 4.46 -0.29
N LEU A 139 6.22 4.65 -1.56
CA LEU A 139 5.30 4.28 -2.65
C LEU A 139 5.24 2.76 -2.79
N GLY A 140 4.02 2.20 -2.83
CA GLY A 140 3.91 0.77 -3.10
C GLY A 140 4.14 -0.11 -1.88
N CYS A 141 4.39 0.50 -0.73
CA CYS A 141 4.74 -0.25 0.48
C CYS A 141 3.52 -0.96 1.07
N PRO A 142 3.66 -2.21 1.53
CA PRO A 142 2.50 -2.87 2.15
C PRO A 142 1.92 -2.14 3.36
N ILE A 143 2.69 -1.33 4.10
CA ILE A 143 2.17 -0.74 5.32
C ILE A 143 2.14 0.78 5.29
N SER A 144 2.73 1.43 4.27
CA SER A 144 2.80 2.90 4.39
C SER A 144 1.42 3.57 4.45
N ALA A 145 0.36 2.97 3.88
CA ALA A 145 -0.97 3.57 4.03
C ALA A 145 -1.40 3.66 5.50
N HIS A 146 -1.01 2.68 6.31
CA HIS A 146 -1.37 2.75 7.72
C HIS A 146 -0.50 3.75 8.47
N TYR A 147 0.75 3.94 8.05
CA TYR A 147 1.53 5.05 8.61
C TYR A 147 0.83 6.38 8.31
N ARG A 148 0.38 6.56 7.06
CA ARG A 148 -0.23 7.84 6.69
C ARG A 148 -1.54 8.05 7.45
N ASP A 149 -2.36 7.00 7.56
CA ASP A 149 -3.58 7.08 8.36
C ASP A 149 -3.28 7.53 9.78
N ALA A 150 -2.16 7.05 10.36
CA ALA A 150 -1.76 7.37 11.71
C ALA A 150 -1.08 8.74 11.81
N GLN A 151 -0.74 9.34 10.66
CA GLN A 151 -0.06 10.65 10.59
C GLN A 151 1.27 10.68 11.34
N LEU A 152 2.06 9.63 11.21
CA LEU A 152 3.31 9.55 11.96
C LEU A 152 4.24 10.71 11.63
N ILE A 153 4.44 10.99 10.34
CA ILE A 153 5.29 12.11 9.94
C ILE A 153 4.50 13.42 9.97
N GLU A 154 3.26 13.40 9.51
CA GLU A 154 2.53 14.65 9.33
C GLU A 154 2.29 15.37 10.66
N ASP A 155 2.01 14.61 11.73
CA ASP A 155 1.61 15.20 13.01
C ASP A 155 2.89 15.54 13.80
N GLY A 156 3.52 16.65 13.41
CA GLY A 156 4.76 17.04 14.07
C GLY A 156 4.56 17.52 15.49
N GLY A 157 3.34 17.95 15.82
CA GLY A 157 3.02 18.37 17.18
C GLY A 157 2.93 17.24 18.20
N ARG A 158 2.83 15.99 17.75
CA ARG A 158 2.74 14.88 18.69
C ARG A 158 4.12 14.58 19.27
N ASP A 159 4.14 14.36 20.59
CA ASP A 159 5.41 14.07 21.24
C ASP A 159 6.00 12.79 20.67
N LEU A 160 7.32 12.79 20.48
CA LEU A 160 8.04 11.59 20.00
C LEU A 160 7.60 10.33 20.75
N THR A 161 7.54 10.39 22.09
CA THR A 161 7.18 9.22 22.90
C THR A 161 5.82 8.69 22.50
N ASP A 162 4.90 9.60 22.19
CA ASP A 162 3.52 9.25 21.82
C ASP A 162 3.48 8.71 20.38
N MET A 163 4.20 9.31 19.42
CA MET A 163 4.26 8.79 18.02
C MET A 163 4.74 7.34 18.07
N MET A 164 5.75 7.04 18.87
CA MET A 164 6.31 5.68 18.96
C MET A 164 5.23 4.69 19.44
N GLY A 165 4.40 5.09 20.40
CA GLY A 165 3.36 4.16 20.81
C GLY A 165 2.44 3.77 19.67
N VAL A 166 2.09 4.74 18.81
CA VAL A 166 1.22 4.45 17.68
C VAL A 166 1.95 3.57 16.68
N LEU A 167 3.19 3.93 16.36
CA LEU A 167 4.00 3.14 15.43
C LEU A 167 4.18 1.71 15.92
N ALA A 168 4.40 1.52 17.22
CA ALA A 168 4.70 0.18 17.74
C ALA A 168 3.58 -0.82 17.48
N GLU A 169 2.33 -0.36 17.34
CA GLU A 169 1.20 -1.26 17.10
C GLU A 169 1.11 -1.73 15.64
N LEU A 170 1.87 -1.13 14.71
CA LEU A 170 1.75 -1.49 13.31
C LEU A 170 2.74 -2.60 12.94
N PRO A 171 2.45 -3.38 11.91
CA PRO A 171 3.39 -4.44 11.52
C PRO A 171 4.56 -3.87 10.75
N LEU A 172 5.68 -4.61 10.83
CA LEU A 172 6.84 -4.41 10.00
C LEU A 172 6.54 -4.96 8.61
N VAL A 173 7.43 -4.67 7.65
CA VAL A 173 7.26 -5.21 6.29
C VAL A 173 8.29 -6.31 5.95
N PHE A 174 9.11 -6.72 6.90
CA PHE A 174 9.92 -7.94 6.74
C PHE A 174 10.45 -8.27 8.12
N HIS A 175 10.95 -9.49 8.27
CA HIS A 175 11.49 -9.89 9.58
C HIS A 175 12.80 -9.15 9.89
N PRO A 176 12.96 -8.63 11.10
CA PRO A 176 14.16 -7.86 11.44
C PRO A 176 15.46 -8.57 11.08
N GLY A 177 16.38 -7.84 10.43
CA GLY A 177 17.64 -8.39 10.01
C GLY A 177 17.65 -8.93 8.59
N THR A 178 16.51 -9.20 7.98
CA THR A 178 16.53 -9.98 6.75
C THR A 178 16.56 -9.16 5.46
N GLN A 179 16.27 -7.86 5.52
CA GLN A 179 16.25 -7.00 4.33
C GLN A 179 16.63 -5.59 4.74
N TRP A 180 16.74 -4.73 3.74
CA TRP A 180 17.03 -3.30 3.94
C TRP A 180 15.88 -2.48 3.39
N LYS A 181 15.39 -1.53 4.18
CA LYS A 181 14.44 -0.56 3.62
C LYS A 181 14.58 0.73 4.42
N TYR A 182 14.86 1.83 3.70
CA TYR A 182 15.00 3.13 4.35
C TYR A 182 13.70 3.49 5.07
N SER A 183 13.82 4.02 6.30
CA SER A 183 12.67 3.89 7.21
C SER A 183 12.67 4.96 8.32
N ILE A 184 11.59 4.91 9.10
CA ILE A 184 11.39 5.67 10.33
C ILE A 184 12.26 5.13 11.49
N SER A 185 13.15 4.15 11.22
CA SER A 185 13.88 3.54 12.33
C SER A 185 14.82 4.48 13.07
N THR A 186 15.28 5.57 12.44
CA THR A 186 16.14 6.50 13.19
C THR A 186 15.30 7.24 14.22
N ASP A 187 14.01 7.44 13.93
CA ASP A 187 13.13 8.00 14.94
C ASP A 187 12.93 7.02 16.09
N VAL A 188 12.77 5.73 15.78
CA VAL A 188 12.75 4.73 16.83
C VAL A 188 14.04 4.81 17.65
N LEU A 189 15.18 5.01 16.98
CA LEU A 189 16.46 5.04 17.67
C LEU A 189 16.51 6.21 18.65
N ALA A 190 16.06 7.39 18.20
CA ALA A 190 16.00 8.55 19.08
C ALA A 190 15.14 8.25 20.29
N HIS A 191 14.00 7.60 20.09
CA HIS A 191 13.12 7.26 21.21
C HIS A 191 13.78 6.25 22.16
N ILE A 192 14.43 5.23 21.61
CA ILE A 192 15.09 4.23 22.46
C ILE A 192 16.25 4.85 23.23
N ILE A 193 16.96 5.81 22.62
CA ILE A 193 17.97 6.58 23.34
C ILE A 193 17.35 7.26 24.56
N GLU A 194 16.19 7.88 24.37
CA GLU A 194 15.54 8.51 25.50
C GLU A 194 15.17 7.48 26.57
N CYS A 195 14.63 6.33 26.17
CA CYS A 195 14.28 5.29 27.14
C CYS A 195 15.50 4.82 27.90
N ALA A 196 16.61 4.64 27.18
CA ALA A 196 17.80 4.04 27.77
C ALA A 196 18.51 4.99 28.71
N THR A 197 18.48 6.29 28.41
CA THR A 197 19.25 7.27 29.17
C THR A 197 18.42 8.02 30.20
N GLY A 198 17.10 8.03 30.05
CA GLY A 198 16.26 8.90 30.86
C GLY A 198 16.37 10.37 30.53
N GLU A 199 17.01 10.71 29.41
CA GLU A 199 17.14 12.09 28.97
C GLU A 199 16.47 12.28 27.61
N ARG A 200 16.21 13.55 27.25
CA ARG A 200 15.63 13.83 25.94
C ARG A 200 16.71 13.87 24.86
N VAL A 201 16.35 13.41 23.64
CA VAL A 201 17.37 13.34 22.59
C VAL A 201 17.91 14.73 22.26
N ASP A 202 17.08 15.77 22.35
CA ASP A 202 17.58 17.10 21.98
C ASP A 202 18.57 17.62 23.03
N ASP A 203 18.33 17.34 24.32
CA ASP A 203 19.31 17.70 25.36
C ASP A 203 20.61 16.92 25.19
N LEU A 204 20.52 15.62 24.86
CA LEU A 204 21.72 14.84 24.62
C LEU A 204 22.52 15.37 23.42
N LEU A 205 21.84 15.64 22.29
CA LEU A 205 22.56 16.18 21.14
C LEU A 205 23.28 17.47 21.50
N GLN A 206 22.57 18.36 22.20
CA GLN A 206 23.15 19.64 22.61
C GLN A 206 24.44 19.43 23.40
N ARG A 207 24.39 18.56 24.40
CA ARG A 207 25.50 18.46 25.35
C ARG A 207 26.67 17.66 24.76
N LEU A 208 26.35 16.61 24.01
CA LEU A 208 27.37 15.68 23.57
C LEU A 208 27.98 16.04 22.22
N ILE A 209 27.24 16.75 21.35
CA ILE A 209 27.70 17.02 20.00
C ILE A 209 27.73 18.52 19.68
N PHE A 210 26.58 19.19 19.80
CA PHE A 210 26.50 20.56 19.28
C PHE A 210 27.40 21.49 20.07
N ASP A 211 27.31 21.47 21.41
CA ASP A 211 28.13 22.38 22.21
C ASP A 211 29.62 22.11 22.02
N PRO A 212 30.10 20.87 22.05
CA PRO A 212 31.54 20.65 21.77
C PRO A 212 31.99 21.12 20.41
N LEU A 213 31.13 21.05 19.40
CA LEU A 213 31.51 21.46 18.05
C LEU A 213 31.12 22.91 17.75
N ASP A 214 30.65 23.65 18.75
CA ASP A 214 30.19 25.04 18.60
C ASP A 214 29.14 25.19 17.50
N MET A 215 28.24 24.21 17.41
CA MET A 215 27.15 24.28 16.45
C MET A 215 25.98 25.01 17.12
N GLN A 216 26.12 26.34 17.23
CA GLN A 216 25.16 27.04 18.06
C GLN A 216 23.85 27.31 17.34
N ASP A 217 23.77 27.11 16.02
CA ASP A 217 22.51 27.32 15.31
C ASP A 217 21.78 26.01 14.97
N THR A 218 22.18 24.88 15.53
CA THR A 218 21.58 23.61 15.14
C THR A 218 20.63 23.15 16.24
N GLY A 219 19.42 22.76 15.86
CA GLY A 219 18.44 22.32 16.85
C GLY A 219 17.10 22.10 16.20
N PHE A 220 16.14 21.61 17.02
CA PHE A 220 14.80 21.31 16.56
C PHE A 220 13.86 22.50 16.56
N SER A 221 14.30 23.67 17.04
CA SER A 221 13.53 24.89 16.93
C SER A 221 14.48 26.01 16.52
N LEU A 222 13.91 27.13 16.05
CA LEU A 222 14.74 28.26 15.62
C LEU A 222 15.37 28.98 16.81
N PRO A 223 16.59 29.52 16.65
CA PRO A 223 17.10 30.48 17.64
C PRO A 223 16.17 31.68 17.73
N LEU A 224 16.33 32.46 18.80
CA LEU A 224 15.44 33.60 19.03
C LEU A 224 15.51 34.62 17.88
N ASP A 225 16.68 34.77 17.27
CA ASP A 225 16.88 35.63 16.11
C ASP A 225 16.85 34.85 14.79
N GLY A 226 16.21 33.68 14.77
CA GLY A 226 16.32 32.80 13.62
C GLY A 226 15.31 33.02 12.52
N ALA A 227 14.15 33.61 12.84
CA ALA A 227 13.07 33.71 11.86
C ALA A 227 13.51 34.42 10.60
N SER A 228 14.27 35.51 10.73
CA SER A 228 14.69 36.24 9.55
C SER A 228 15.82 35.55 8.81
N ARG A 229 16.39 34.49 9.39
CA ARG A 229 17.48 33.73 8.76
C ARG A 229 17.01 32.45 8.09
N LEU A 230 15.76 32.09 8.28
CA LEU A 230 15.25 30.82 7.74
C LEU A 230 14.98 30.92 6.24
N MET A 231 15.63 30.06 5.47
CA MET A 231 15.46 30.00 4.04
C MET A 231 14.06 29.51 3.69
N GLU A 232 13.46 30.09 2.67
CA GLU A 232 12.16 29.61 2.20
C GLU A 232 12.31 28.23 1.57
N VAL A 233 11.28 27.39 1.70
CA VAL A 233 11.32 26.03 1.16
C VAL A 233 10.32 25.93 0.01
N TYR A 234 10.76 25.37 -1.11
CA TYR A 234 9.97 25.31 -2.33
C TYR A 234 9.67 23.86 -2.67
N GLY A 235 8.64 23.67 -3.48
CA GLY A 235 8.29 22.36 -3.99
C GLY A 235 6.84 22.02 -3.68
N MET A 236 6.47 20.82 -4.09
CA MET A 236 5.09 20.33 -3.97
C MET A 236 5.08 19.11 -3.07
N ARG A 237 4.33 19.18 -1.97
CA ARG A 237 4.01 17.99 -1.19
C ARG A 237 2.69 17.41 -1.69
N SER A 238 2.65 16.09 -1.89
CA SER A 238 1.46 15.48 -2.49
C SER A 238 0.27 15.63 -1.56
N LEU A 239 -0.90 15.88 -2.16
CA LEU A 239 -2.14 15.98 -1.40
C LEU A 239 -2.37 14.69 -0.59
N HIS A 240 -2.74 14.86 0.69
CA HIS A 240 -3.01 13.79 1.63
C HIS A 240 -1.78 12.92 1.90
N GLY A 241 -0.60 13.36 1.48
CA GLY A 241 0.56 12.51 1.62
C GLY A 241 0.57 11.29 0.72
N LEU A 242 -0.38 11.15 -0.20
CA LEU A 242 -0.39 9.97 -1.06
C LEU A 242 0.85 9.94 -1.96
N PRO A 243 1.68 8.89 -1.89
CA PRO A 243 2.92 8.87 -2.69
C PRO A 243 2.62 9.04 -4.18
N ALA A 244 3.38 9.93 -4.83
CA ALA A 244 3.11 10.24 -6.23
C ALA A 244 3.57 9.11 -7.14
N LEU A 245 2.81 8.87 -8.21
CA LEU A 245 3.19 7.87 -9.21
C LEU A 245 4.19 8.39 -10.23
N LYS A 246 4.39 9.70 -10.28
CA LYS A 246 5.38 10.29 -11.18
C LYS A 246 5.76 11.64 -10.60
N PRO A 247 6.95 12.15 -10.93
CA PRO A 247 7.39 13.41 -10.31
C PRO A 247 6.47 14.57 -10.67
N ALA A 248 6.20 15.42 -9.68
CA ALA A 248 5.49 16.65 -9.96
C ALA A 248 6.40 17.58 -10.75
N PRO A 249 5.83 18.52 -11.49
CA PRO A 249 6.67 19.52 -12.17
C PRO A 249 7.54 20.24 -11.15
N HIS A 250 8.81 20.44 -11.55
CA HIS A 250 9.82 21.08 -10.69
C HIS A 250 9.64 22.58 -10.84
N VAL A 251 8.87 23.18 -9.95
CA VAL A 251 8.55 24.59 -10.03
C VAL A 251 8.77 25.24 -8.68
N LEU A 252 9.30 26.45 -8.70
CA LEU A 252 9.61 27.19 -7.47
C LEU A 252 8.35 27.83 -6.93
N VAL A 253 7.58 27.06 -6.18
CA VAL A 253 6.41 27.53 -5.45
C VAL A 253 6.65 27.18 -3.98
N PRO A 254 6.40 28.10 -3.02
CA PRO A 254 6.63 27.74 -1.61
C PRO A 254 5.84 26.51 -1.22
N ALA A 255 6.49 25.64 -0.44
CA ALA A 255 5.91 24.37 -0.03
C ALA A 255 5.10 24.58 1.25
N ASP A 256 4.04 23.80 1.38
CA ASP A 256 3.19 23.83 2.58
C ASP A 256 3.61 22.64 3.43
N LEU A 257 4.22 22.92 4.58
CA LEU A 257 4.68 21.82 5.43
C LEU A 257 3.64 21.38 6.45
N GLY A 258 2.44 21.97 6.42
CA GLY A 258 1.42 21.61 7.38
C GLY A 258 1.94 21.74 8.80
N SER A 259 1.65 20.74 9.64
CA SER A 259 2.18 20.73 10.99
C SER A 259 3.36 19.76 11.14
N SER A 260 4.03 19.40 10.04
CA SER A 260 5.11 18.41 10.09
C SER A 260 6.43 18.98 10.61
N HIS A 261 6.63 20.31 10.59
CA HIS A 261 7.98 20.81 10.83
C HIS A 261 7.94 22.13 11.59
N PRO A 262 7.45 22.14 12.83
CA PRO A 262 7.28 23.40 13.56
C PRO A 262 8.59 24.15 13.72
N THR A 263 8.48 25.48 13.81
CA THR A 263 9.65 26.31 14.05
C THR A 263 9.88 26.61 15.52
N ASP A 264 8.84 26.55 16.37
CA ASP A 264 9.05 27.03 17.73
C ASP A 264 8.30 26.16 18.73
N ASP A 265 8.27 24.85 18.49
CA ASP A 265 7.71 23.90 19.44
C ASP A 265 8.84 23.40 20.33
N PRO A 266 8.87 23.78 21.62
CA PRO A 266 10.00 23.36 22.48
C PRO A 266 10.05 21.87 22.77
N ASP A 267 9.03 21.09 22.39
CA ASP A 267 9.09 19.66 22.62
C ASP A 267 9.26 18.86 21.33
N PHE A 268 9.23 19.50 20.17
CA PHE A 268 9.44 18.80 18.90
C PHE A 268 10.87 18.24 18.85
N ARG A 269 10.98 16.93 18.71
CA ARG A 269 12.28 16.29 18.52
C ARG A 269 12.04 14.98 17.79
N ARG A 270 12.96 14.61 16.91
CA ARG A 270 12.80 13.41 16.08
C ARG A 270 14.19 12.81 15.86
N GLY A 271 14.23 11.61 15.28
CA GLY A 271 15.52 11.02 14.95
C GLY A 271 15.85 11.10 13.47
N GLY A 272 14.83 11.14 12.60
CA GLY A 272 15.05 11.00 11.17
C GLY A 272 15.01 12.29 10.39
N HIS A 273 14.54 13.36 11.02
CA HIS A 273 14.38 14.67 10.39
C HIS A 273 14.09 15.66 11.50
N GLY A 274 13.89 16.92 11.11
CA GLY A 274 13.42 17.93 12.03
C GLY A 274 14.47 18.94 12.49
N LEU A 275 15.76 18.67 12.30
CA LEU A 275 16.76 19.65 12.70
C LEU A 275 16.83 20.83 11.74
N TYR A 276 17.01 22.03 12.31
CA TYR A 276 17.46 23.21 11.58
C TYR A 276 18.96 23.32 11.75
N SER A 277 19.67 23.73 10.70
CA SER A 277 21.11 23.94 10.83
C SER A 277 21.56 24.99 9.81
N THR A 278 22.86 25.25 9.82
CA THR A 278 23.51 26.17 8.89
C THR A 278 24.64 25.43 8.19
N LEU A 279 25.09 26.02 7.07
CA LEU A 279 26.26 25.50 6.38
C LEU A 279 27.44 25.37 7.30
N ASP A 280 27.74 26.45 8.05
CA ASP A 280 28.89 26.41 8.94
C ASP A 280 28.76 25.33 10.01
N ASP A 281 27.58 25.22 10.65
CA ASP A 281 27.40 24.19 11.67
C ASP A 281 27.56 22.79 11.08
N TYR A 282 26.95 22.54 9.93
CA TYR A 282 27.03 21.18 9.41
C TYR A 282 28.45 20.85 8.98
N MET A 283 29.19 21.83 8.45
CA MET A 283 30.59 21.56 8.12
C MET A 283 31.42 21.24 9.37
N ALA A 284 31.10 21.84 10.52
CA ALA A 284 31.80 21.46 11.74
C ALA A 284 31.56 19.98 12.04
N PHE A 285 30.33 19.52 11.87
CA PHE A 285 30.02 18.12 12.10
C PHE A 285 30.74 17.21 11.10
N ALA A 286 30.63 17.53 9.81
CA ALA A 286 31.31 16.74 8.78
C ALA A 286 32.82 16.69 9.01
N ASN A 287 33.43 17.83 9.33
CA ASN A 287 34.86 17.80 9.57
C ASN A 287 35.21 16.90 10.75
N MET A 288 34.37 16.91 11.78
CA MET A 288 34.67 16.05 12.94
C MET A 288 34.70 14.57 12.54
N LEU A 289 33.85 14.18 11.59
CA LEU A 289 33.77 12.77 11.15
C LEU A 289 35.06 12.29 10.49
N LEU A 290 35.97 13.20 10.12
CA LEU A 290 37.28 12.76 9.63
C LEU A 290 38.15 12.14 10.72
N SER A 291 37.89 12.46 11.99
CA SER A 291 38.78 12.07 13.08
C SER A 291 38.07 11.60 14.33
N GLY A 292 36.79 11.93 14.55
CA GLY A 292 36.11 11.74 15.81
C GLY A 292 36.45 12.76 16.87
N GLN A 293 37.14 13.85 16.51
CA GLN A 293 37.63 14.86 17.44
C GLN A 293 37.08 16.24 17.10
N THR A 294 36.95 17.11 18.11
CA THR A 294 36.72 18.52 17.83
C THR A 294 38.00 19.13 17.26
N PRO A 295 37.95 20.35 16.70
CA PRO A 295 39.19 20.93 16.15
C PRO A 295 40.23 21.19 17.23
N GLU A 296 39.83 21.31 18.49
CA GLU A 296 40.74 21.50 19.60
C GLU A 296 41.34 20.20 20.09
N GLY A 297 40.85 19.06 19.60
CA GLY A 297 41.42 17.77 19.90
C GLY A 297 40.68 16.96 20.93
N GLU A 298 39.53 17.43 21.42
CA GLU A 298 38.70 16.64 22.33
C GLU A 298 38.05 15.50 21.56
N THR A 299 38.10 14.30 22.13
CA THR A 299 37.54 13.12 21.44
C THR A 299 36.05 13.02 21.73
N LEU A 300 35.24 13.00 20.66
CA LEU A 300 33.82 12.70 20.84
C LEU A 300 33.54 11.23 20.65
N LEU A 301 34.27 10.57 19.77
CA LEU A 301 34.14 9.13 19.56
C LEU A 301 35.52 8.57 19.28
N SER A 302 35.85 7.42 19.89
CA SER A 302 37.18 6.88 19.71
C SER A 302 37.43 6.43 18.27
N PRO A 303 38.70 6.34 17.87
CA PRO A 303 38.97 5.86 16.50
C PRO A 303 38.42 4.46 16.24
N ALA A 304 38.47 3.58 17.24
CA ALA A 304 37.98 2.21 17.02
C ALA A 304 36.47 2.20 16.78
N VAL A 305 35.71 3.01 17.52
CA VAL A 305 34.25 2.96 17.34
C VAL A 305 33.86 3.77 16.12
N LEU A 306 34.61 4.82 15.78
CA LEU A 306 34.35 5.49 14.50
C LEU A 306 34.59 4.53 13.33
N LYS A 307 35.66 3.71 13.38
CA LYS A 307 35.87 2.73 12.32
C LYS A 307 34.72 1.72 12.26
N LEU A 308 34.22 1.29 13.42
CA LEU A 308 33.08 0.38 13.46
C LEU A 308 31.85 1.02 12.82
N ALA A 309 31.65 2.31 13.07
CA ALA A 309 30.50 3.03 12.52
C ALA A 309 30.63 3.26 11.01
N LEU A 310 31.86 3.41 10.49
CA LEU A 310 32.02 3.75 9.08
C LEU A 310 32.22 2.53 8.18
N ALA A 311 32.53 1.37 8.75
CA ALA A 311 32.80 0.20 7.92
C ALA A 311 31.56 -0.19 7.13
N PRO A 312 31.70 -0.59 5.87
CA PRO A 312 30.49 -1.01 5.13
C PRO A 312 29.84 -2.20 5.80
N ARG A 313 28.52 -2.08 6.05
CA ARG A 313 27.79 -3.02 6.87
C ARG A 313 26.61 -3.67 6.16
N VAL A 314 25.95 -2.97 5.25
CA VAL A 314 24.90 -3.54 4.41
C VAL A 314 25.35 -3.50 2.97
N HIS A 315 25.33 -4.66 2.31
CA HIS A 315 25.76 -4.75 0.93
C HIS A 315 24.54 -5.08 0.09
N PHE A 316 24.51 -4.59 -1.13
CA PHE A 316 23.32 -4.68 -1.96
C PHE A 316 23.54 -5.51 -3.22
N GLY A 317 22.45 -6.09 -3.70
CA GLY A 317 22.47 -6.97 -4.84
C GLY A 317 22.54 -6.22 -6.15
N ALA A 318 22.00 -6.85 -7.19
CA ALA A 318 22.09 -6.30 -8.54
C ALA A 318 21.46 -4.91 -8.60
N ARG A 319 20.28 -4.75 -8.02
CA ARG A 319 19.60 -3.47 -8.17
C ARG A 319 20.18 -2.40 -7.27
N GLY A 320 21.06 -2.77 -6.33
CA GLY A 320 21.75 -1.77 -5.56
C GLY A 320 20.90 -1.17 -4.46
N MET A 321 21.52 -0.25 -3.74
CA MET A 321 20.80 0.52 -2.72
C MET A 321 19.78 1.42 -3.44
N ARG A 322 18.52 1.37 -3.02
CA ARG A 322 17.47 2.21 -3.59
C ARG A 322 16.51 2.71 -2.52
N ILE A 323 16.00 3.92 -2.71
CA ILE A 323 14.99 4.51 -1.85
C ILE A 323 13.85 4.99 -2.75
N ASN A 324 12.66 4.42 -2.58
CA ASN A 324 11.56 4.72 -3.51
C ASN A 324 12.03 4.55 -4.96
N ASP A 325 12.85 3.52 -5.16
CA ASP A 325 13.42 3.09 -6.45
C ASP A 325 14.47 4.05 -7.01
N GLU A 326 14.85 5.09 -6.29
CA GLU A 326 15.96 5.93 -6.75
C GLU A 326 17.27 5.28 -6.35
N PRO A 327 18.25 5.19 -7.25
CA PRO A 327 19.49 4.46 -6.92
C PRO A 327 20.56 5.30 -6.25
N PHE A 328 21.41 4.61 -5.49
CA PHE A 328 22.62 5.18 -4.91
C PHE A 328 23.73 4.25 -5.39
N ALA A 329 24.21 4.53 -6.61
CA ALA A 329 25.03 3.57 -7.34
C ALA A 329 26.43 3.46 -6.73
N GLY A 330 26.88 2.23 -6.43
CA GLY A 330 28.20 2.04 -5.86
C GLY A 330 28.27 2.26 -4.37
N TYR A 331 27.15 2.62 -3.73
CA TYR A 331 27.13 2.84 -2.30
C TYR A 331 26.66 1.60 -1.53
N SER A 332 27.28 1.37 -0.38
CA SER A 332 26.80 0.47 0.66
C SER A 332 26.29 1.34 1.80
N TRP A 333 25.84 0.69 2.88
CA TRP A 333 25.34 1.40 4.05
C TRP A 333 26.22 1.08 5.25
N ASN A 334 26.59 2.12 6.03
CA ASN A 334 27.26 1.88 7.30
C ASN A 334 26.34 2.42 8.41
N LEU A 335 26.84 2.51 9.65
CA LEU A 335 25.93 2.86 10.74
C LEU A 335 25.49 4.33 10.71
N LEU A 336 26.10 5.17 9.86
CA LEU A 336 25.76 6.58 9.77
C LEU A 336 25.10 6.99 8.46
N GLY A 337 25.15 6.16 7.43
CA GLY A 337 24.59 6.60 6.13
C GLY A 337 25.27 5.84 4.99
N ARG A 338 25.42 6.52 3.86
CA ARG A 338 26.02 5.85 2.69
C ARG A 338 27.55 5.79 2.76
N VAL A 339 28.12 4.83 2.07
CA VAL A 339 29.59 4.78 1.97
C VAL A 339 29.94 4.19 0.60
N MET A 340 30.83 4.87 -0.13
CA MET A 340 31.17 4.43 -1.48
C MET A 340 32.07 3.18 -1.45
N THR A 341 31.58 2.06 -1.99
CA THR A 341 32.35 0.83 -1.96
C THR A 341 32.78 0.33 -3.35
N ASP A 342 32.40 1.01 -4.44
CA ASP A 342 32.87 0.58 -5.77
C ASP A 342 32.81 1.80 -6.69
N VAL A 343 33.95 2.47 -6.88
CA VAL A 343 34.00 3.62 -7.79
C VAL A 343 33.62 3.22 -9.21
N GLY A 344 33.91 1.98 -9.59
CA GLY A 344 33.52 1.47 -10.90
C GLY A 344 32.02 1.30 -11.09
N ALA A 345 31.23 1.32 -10.01
CA ALA A 345 29.79 1.33 -10.14
C ALA A 345 29.19 2.72 -9.91
N ALA A 346 29.99 3.69 -9.47
CA ALA A 346 29.48 4.99 -9.07
C ALA A 346 28.96 5.78 -10.27
N ALA A 347 27.93 6.62 -10.03
CA ALA A 347 27.28 7.42 -11.08
C ALA A 347 27.80 8.84 -11.14
N TYR A 348 28.71 9.21 -10.23
CA TYR A 348 29.30 10.54 -10.23
C TYR A 348 30.58 10.50 -9.42
N ALA A 349 31.44 11.49 -9.68
CA ALA A 349 32.80 11.47 -9.15
C ALA A 349 32.81 11.34 -7.65
N THR A 350 33.72 10.50 -7.15
CA THR A 350 33.84 10.12 -5.75
C THR A 350 35.16 9.37 -5.58
N HIS A 351 35.43 8.91 -4.35
CA HIS A 351 36.57 8.04 -4.06
C HIS A 351 36.11 6.93 -3.12
N LEU A 352 36.82 5.80 -3.16
CA LEU A 352 36.50 4.73 -2.22
C LEU A 352 36.46 5.26 -0.80
N GLY A 353 35.36 4.94 -0.06
CA GLY A 353 35.23 5.35 1.35
C GLY A 353 34.55 6.69 1.58
N GLU A 354 34.23 7.43 0.50
CA GLU A 354 33.44 8.66 0.65
C GLU A 354 32.10 8.31 1.29
N PHE A 355 31.67 9.11 2.26
CA PHE A 355 30.44 8.77 3.00
C PHE A 355 29.68 10.03 3.34
N GLY A 356 28.44 9.85 3.81
CA GLY A 356 27.60 10.98 4.20
C GLY A 356 26.14 10.66 3.94
N TRP A 357 25.32 11.70 3.89
CA TRP A 357 23.91 11.49 3.60
C TRP A 357 23.36 12.80 3.03
N SER A 358 22.03 12.96 3.08
CA SER A 358 21.36 14.03 2.35
C SER A 358 19.94 14.11 2.89
N GLY A 359 19.20 15.14 2.45
CA GLY A 359 17.83 15.30 2.91
C GLY A 359 16.89 15.67 1.77
N VAL A 360 15.60 15.50 2.04
CA VAL A 360 14.59 15.60 0.99
C VAL A 360 14.43 17.01 0.47
N ALA A 361 14.91 18.03 1.19
CA ALA A 361 14.90 19.39 0.65
C ALA A 361 16.17 19.70 -0.13
N ALA A 362 16.94 18.67 -0.48
CA ALA A 362 18.07 18.68 -1.41
C ALA A 362 19.36 19.11 -0.72
N THR A 363 19.39 19.26 0.60
CA THR A 363 20.67 19.39 1.30
C THR A 363 21.48 18.11 1.15
N TYR A 364 22.82 18.26 1.11
CA TYR A 364 23.70 17.13 0.81
C TYR A 364 25.05 17.39 1.46
N PHE A 365 25.69 16.34 1.95
CA PHE A 365 27.08 16.50 2.39
C PHE A 365 27.85 15.22 2.14
N TRP A 366 29.18 15.37 2.12
CA TRP A 366 30.06 14.22 2.01
C TRP A 366 31.32 14.44 2.80
N VAL A 367 31.95 13.32 3.13
CA VAL A 367 33.25 13.26 3.78
C VAL A 367 34.10 12.30 2.94
N ASP A 368 35.29 12.73 2.52
CA ASP A 368 36.12 11.91 1.63
C ASP A 368 37.46 11.72 2.32
N PRO A 369 37.65 10.61 3.06
CA PRO A 369 38.89 10.47 3.86
C PRO A 369 40.15 10.41 3.02
N THR A 370 40.05 9.91 1.79
CA THR A 370 41.25 9.83 0.95
C THR A 370 41.80 11.20 0.60
N LYS A 371 40.96 12.22 0.66
CA LYS A 371 41.37 13.59 0.38
C LYS A 371 41.32 14.49 1.60
N ASN A 372 41.01 13.94 2.77
CA ASN A 372 40.79 14.76 3.99
C ASN A 372 39.82 15.91 3.70
N MET A 373 38.78 15.60 2.96
CA MET A 373 37.92 16.60 2.34
C MET A 373 36.51 16.45 2.92
N THR A 374 35.82 17.56 3.10
CA THR A 374 34.40 17.53 3.40
C THR A 374 33.70 18.53 2.50
N GLY A 375 32.40 18.34 2.30
CA GLY A 375 31.66 19.27 1.46
C GLY A 375 30.21 19.26 1.85
N CYS A 376 29.54 20.40 1.67
CA CYS A 376 28.13 20.50 2.01
C CYS A 376 27.47 21.49 1.08
N VAL A 377 26.29 21.13 0.58
CA VAL A 377 25.44 21.99 -0.22
C VAL A 377 24.14 22.19 0.54
N MET A 378 23.76 23.45 0.76
CA MET A 378 22.51 23.77 1.44
C MET A 378 21.60 24.50 0.47
N THR A 379 20.34 24.05 0.38
CA THR A 379 19.30 24.62 -0.45
C THR A 379 17.99 24.09 0.10
N GLN A 380 16.85 24.58 -0.44
CA GLN A 380 15.55 24.13 0.08
C GLN A 380 14.59 23.87 -1.09
N PHE A 381 14.56 22.62 -1.56
CA PHE A 381 13.62 22.22 -2.61
C PHE A 381 13.20 20.78 -2.35
N LEU A 382 11.92 20.58 -2.07
CA LEU A 382 11.42 19.25 -1.71
C LEU A 382 11.22 18.40 -2.96
N GLY A 383 11.79 17.18 -2.96
CA GLY A 383 11.55 16.24 -4.04
C GLY A 383 12.06 16.73 -5.36
N SER A 384 13.28 17.27 -5.34
CA SER A 384 13.90 17.76 -6.57
C SER A 384 14.04 16.66 -7.62
N GLN A 385 13.69 16.98 -8.86
CA GLN A 385 14.04 16.17 -10.01
C GLN A 385 15.51 16.31 -10.43
N HIS A 386 16.28 17.17 -9.78
CA HIS A 386 17.63 17.41 -10.23
C HIS A 386 18.57 17.13 -9.07
N PRO A 387 19.58 16.31 -9.25
CA PRO A 387 20.41 15.88 -8.12
C PRO A 387 21.49 16.89 -7.80
N ILE A 388 21.09 18.05 -7.26
CA ILE A 388 22.04 19.14 -7.11
C ILE A 388 23.19 18.73 -6.21
N GLY A 389 22.90 17.97 -5.13
CA GLY A 389 23.96 17.60 -4.21
C GLY A 389 25.06 16.79 -4.87
N SER A 390 24.66 15.77 -5.63
CA SER A 390 25.67 14.97 -6.33
C SER A 390 26.37 15.77 -7.42
N ASP A 391 25.66 16.68 -8.09
CA ASP A 391 26.32 17.53 -9.09
C ASP A 391 27.40 18.39 -8.43
N MET A 392 27.13 18.90 -7.23
CA MET A 392 28.12 19.76 -6.58
C MET A 392 29.27 18.92 -6.05
N GLN A 393 28.99 17.74 -5.50
CA GLN A 393 30.10 16.86 -5.14
C GLN A 393 30.98 16.59 -6.34
N ALA A 394 30.36 16.27 -7.48
CA ALA A 394 31.16 15.93 -8.65
C ALA A 394 32.02 17.12 -9.05
N ALA A 395 31.43 18.31 -9.05
CA ALA A 395 32.18 19.52 -9.39
C ALA A 395 33.39 19.68 -8.48
N ALA A 396 33.19 19.55 -7.16
CA ALA A 396 34.28 19.72 -6.22
C ALA A 396 35.35 18.65 -6.42
N MET A 397 34.94 17.40 -6.61
CA MET A 397 35.94 16.35 -6.86
C MET A 397 36.78 16.68 -8.07
N SER A 398 36.15 17.22 -9.12
CA SER A 398 36.85 17.55 -10.35
C SER A 398 37.78 18.73 -10.17
N MET A 399 37.58 19.55 -9.15
CA MET A 399 38.41 20.73 -8.98
C MET A 399 39.62 20.45 -8.10
N LEU A 400 39.71 19.28 -7.48
CA LEU A 400 40.95 18.94 -6.75
C LEU A 400 42.11 18.54 -7.67
N PRO B 14 -30.09 -36.41 9.72
CA PRO B 14 -30.98 -35.34 10.17
C PRO B 14 -30.77 -34.08 9.35
N ASP B 15 -31.57 -33.04 9.58
CA ASP B 15 -31.52 -31.81 8.80
C ASP B 15 -30.40 -30.92 9.36
N LEU B 16 -29.18 -31.19 8.89
CA LEU B 16 -28.03 -30.42 9.34
C LEU B 16 -28.09 -28.99 8.85
N LEU B 17 -28.76 -28.75 7.72
CA LEU B 17 -28.86 -27.39 7.17
C LEU B 17 -29.67 -26.49 8.10
N THR B 18 -30.84 -26.96 8.54
CA THR B 18 -31.60 -26.19 9.52
C THR B 18 -30.79 -25.97 10.79
N ASN B 19 -30.05 -27.00 11.23
CA ASN B 19 -29.32 -26.89 12.48
C ASN B 19 -28.27 -25.78 12.39
N VAL B 20 -27.52 -25.79 11.30
CA VAL B 20 -26.49 -24.77 11.11
C VAL B 20 -27.12 -23.38 11.15
N ALA B 21 -28.19 -23.21 10.38
CA ALA B 21 -28.78 -21.88 10.25
C ALA B 21 -29.40 -21.42 11.56
N GLU B 22 -30.14 -22.31 12.24
CA GLU B 22 -30.74 -21.89 13.51
C GLU B 22 -29.68 -21.57 14.55
N ASN B 23 -28.58 -22.33 14.57
CA ASN B 23 -27.53 -22.03 15.54
C ASN B 23 -26.90 -20.66 15.28
N TYR B 24 -26.70 -20.32 14.02
CA TYR B 24 -26.15 -19.00 13.68
C TYR B 24 -27.10 -17.88 14.12
N VAL B 25 -28.40 -18.06 13.91
CA VAL B 25 -29.38 -17.05 14.32
C VAL B 25 -29.46 -17.00 15.84
N ASN B 26 -29.48 -18.17 16.50
CA ASN B 26 -29.62 -18.16 17.96
C ASN B 26 -28.38 -17.66 18.68
N GLN B 27 -27.22 -17.68 18.02
CA GLN B 27 -26.00 -17.12 18.60
C GLN B 27 -25.82 -15.65 18.25
N ASP B 28 -26.84 -15.00 17.67
CA ASP B 28 -26.81 -13.58 17.30
C ASP B 28 -25.65 -13.28 16.35
N LEU B 29 -25.35 -14.22 15.46
CA LEU B 29 -24.33 -13.99 14.46
C LEU B 29 -24.89 -13.57 13.11
N PHE B 30 -26.11 -13.98 12.74
CA PHE B 30 -26.75 -13.54 11.52
C PHE B 30 -28.20 -13.22 11.85
N ALA B 31 -28.76 -12.20 11.21
CA ALA B 31 -30.14 -11.79 11.48
C ALA B 31 -31.15 -12.74 10.87
N GLY B 32 -30.94 -13.10 9.61
CA GLY B 32 -31.88 -13.87 8.85
C GLY B 32 -31.15 -14.64 7.75
N ILE B 33 -31.56 -15.87 7.51
CA ILE B 33 -30.90 -16.76 6.54
C ILE B 33 -31.98 -17.47 5.76
N GLU B 34 -31.82 -17.58 4.43
CA GLU B 34 -32.61 -18.50 3.62
C GLU B 34 -31.67 -19.40 2.82
N TRP B 35 -32.13 -20.63 2.55
CA TRP B 35 -31.33 -21.51 1.72
C TRP B 35 -32.24 -22.43 0.92
N ARG B 36 -31.69 -22.92 -0.20
CA ARG B 36 -32.36 -23.96 -0.98
C ARG B 36 -31.31 -24.82 -1.66
N ILE B 37 -31.57 -26.12 -1.69
CA ILE B 37 -30.71 -27.09 -2.39
C ILE B 37 -31.62 -27.81 -3.38
N ASP B 38 -31.26 -27.79 -4.66
CA ASP B 38 -32.01 -28.49 -5.70
C ASP B 38 -31.21 -29.69 -6.18
N GLN B 39 -31.93 -30.70 -6.64
CA GLN B 39 -31.26 -31.80 -7.30
C GLN B 39 -32.11 -32.14 -8.49
N ASP B 40 -31.48 -32.31 -9.65
CA ASP B 40 -32.21 -32.55 -10.90
C ASP B 40 -33.21 -31.44 -11.18
N GLY B 41 -32.88 -30.22 -10.75
CA GLY B 41 -33.69 -29.05 -11.07
C GLY B 41 -34.90 -28.83 -10.19
N LYS B 42 -35.08 -29.65 -9.16
CA LYS B 42 -36.20 -29.55 -8.25
C LYS B 42 -35.69 -29.39 -6.82
N PRO B 43 -36.38 -28.60 -6.01
CA PRO B 43 -35.92 -28.42 -4.63
C PRO B 43 -35.98 -29.70 -3.85
N ILE B 44 -34.92 -29.96 -3.07
CA ILE B 44 -34.89 -31.11 -2.19
C ILE B 44 -34.78 -30.71 -0.71
N PHE B 45 -34.06 -29.63 -0.39
CA PHE B 45 -34.03 -29.09 0.98
C PHE B 45 -34.20 -27.56 0.91
N GLN B 46 -34.94 -26.99 1.85
CA GLN B 46 -35.07 -25.54 1.85
C GLN B 46 -35.48 -25.09 3.24
N GLY B 47 -35.18 -23.84 3.56
CA GLY B 47 -35.64 -23.34 4.84
C GLY B 47 -35.34 -21.88 5.01
N CYS B 48 -35.72 -21.37 6.16
CA CYS B 48 -35.38 -20.01 6.52
C CYS B 48 -35.22 -19.99 8.03
N ALA B 49 -34.43 -19.05 8.53
CA ALA B 49 -34.18 -18.90 9.96
C ALA B 49 -34.06 -17.42 10.27
N GLY B 50 -34.58 -17.01 11.43
CA GLY B 50 -34.35 -15.62 11.82
C GLY B 50 -35.38 -14.68 11.19
N VAL B 51 -34.94 -13.43 10.97
CA VAL B 51 -35.84 -12.34 10.61
C VAL B 51 -35.18 -11.44 9.56
N LYS B 52 -36.01 -10.58 8.96
CA LYS B 52 -35.50 -9.56 8.02
C LYS B 52 -34.54 -8.58 8.69
N ASP B 53 -34.85 -8.14 9.92
CA ASP B 53 -34.00 -7.19 10.62
C ASP B 53 -34.24 -7.34 12.11
N ILE B 54 -33.16 -7.25 12.89
CA ILE B 54 -33.31 -7.51 14.32
C ILE B 54 -33.91 -6.32 15.05
N GLU B 55 -33.90 -5.15 14.43
CA GLU B 55 -34.39 -3.94 15.10
C GLU B 55 -35.89 -4.04 15.37
N THR B 56 -36.67 -4.44 14.37
CA THR B 56 -38.11 -4.64 14.52
C THR B 56 -38.50 -6.11 14.57
N ARG B 57 -37.59 -7.02 14.22
CA ARG B 57 -37.87 -8.46 14.13
C ARG B 57 -39.03 -8.75 13.18
N THR B 58 -39.15 -7.93 12.14
CA THR B 58 -40.04 -8.26 11.01
C THR B 58 -39.62 -9.60 10.39
N PHE B 59 -40.61 -10.44 10.07
CA PHE B 59 -40.31 -11.73 9.48
C PHE B 59 -39.71 -11.57 8.09
N ILE B 60 -38.86 -12.52 7.71
CA ILE B 60 -38.31 -12.53 6.34
C ILE B 60 -39.45 -12.54 5.34
N PRO B 61 -39.55 -11.55 4.45
CA PRO B 61 -40.68 -11.49 3.52
C PRO B 61 -40.58 -12.55 2.43
N LYS B 62 -41.71 -12.76 1.76
CA LYS B 62 -41.72 -13.56 0.56
C LYS B 62 -40.85 -12.88 -0.51
N ASN B 63 -40.06 -13.70 -1.20
CA ASN B 63 -39.05 -13.24 -2.17
C ASN B 63 -38.20 -12.09 -1.64
N ALA B 64 -37.57 -12.37 -0.50
CA ALA B 64 -36.69 -11.38 0.12
C ALA B 64 -35.49 -11.13 -0.79
N ILE B 65 -34.98 -9.90 -0.72
CA ILE B 65 -33.98 -9.40 -1.67
C ILE B 65 -32.66 -9.19 -0.92
N TYR B 66 -31.56 -9.60 -1.57
CA TYR B 66 -30.25 -9.60 -0.96
C TYR B 66 -29.27 -8.89 -1.87
N ARG B 67 -28.32 -8.18 -1.27
CA ARG B 67 -27.18 -7.66 -2.02
C ARG B 67 -26.18 -8.81 -2.16
N ILE B 68 -25.96 -9.29 -3.40
CA ILE B 68 -25.20 -10.53 -3.60
C ILE B 68 -23.72 -10.27 -3.87
N TYR B 69 -23.30 -9.01 -3.93
CA TYR B 69 -21.92 -8.59 -4.15
C TYR B 69 -21.25 -9.48 -5.21
N SER B 70 -20.14 -10.19 -4.87
CA SER B 70 -19.40 -10.85 -5.98
C SER B 70 -20.10 -12.07 -6.57
N MET B 71 -21.26 -12.48 -6.06
CA MET B 71 -22.05 -13.38 -6.87
C MET B 71 -22.59 -12.70 -8.11
N THR B 72 -22.32 -11.40 -8.26
CA THR B 72 -22.48 -10.75 -9.56
C THR B 72 -21.46 -11.28 -10.57
N LYS B 73 -20.27 -11.67 -10.11
CA LYS B 73 -19.23 -12.01 -11.06
C LYS B 73 -19.52 -13.25 -11.92
N PRO B 74 -20.06 -14.36 -11.41
CA PRO B 74 -20.36 -15.46 -12.33
C PRO B 74 -21.39 -15.11 -13.40
N ILE B 75 -22.34 -14.23 -13.06
CA ILE B 75 -23.34 -13.80 -14.03
C ILE B 75 -22.70 -12.97 -15.15
N VAL B 76 -21.88 -11.99 -14.79
CA VAL B 76 -21.24 -11.15 -15.80
C VAL B 76 -20.25 -11.97 -16.63
N SER B 77 -19.55 -12.91 -15.96
CA SER B 77 -18.64 -13.81 -16.67
C SER B 77 -19.40 -14.70 -17.63
N PHE B 78 -20.58 -15.19 -17.21
CA PHE B 78 -21.38 -16.02 -18.11
C PHE B 78 -21.83 -15.22 -19.33
N LEU B 79 -22.25 -13.97 -19.11
CA LEU B 79 -22.57 -13.09 -20.23
C LEU B 79 -21.38 -12.97 -21.18
N ALA B 80 -20.18 -12.79 -20.65
CA ALA B 80 -19.02 -12.71 -21.54
C ALA B 80 -18.86 -13.98 -22.36
N MET B 81 -19.11 -15.15 -21.76
CA MET B 81 -18.98 -16.39 -22.53
C MET B 81 -20.03 -16.45 -23.66
N MET B 82 -21.26 -16.01 -23.37
CA MET B 82 -22.27 -15.92 -24.43
C MET B 82 -21.77 -15.01 -25.57
N LEU B 83 -21.15 -13.89 -25.23
CA LEU B 83 -20.73 -12.97 -26.27
C LEU B 83 -19.54 -13.54 -27.04
N ILE B 84 -18.69 -14.31 -26.38
CA ILE B 84 -17.64 -15.03 -27.10
C ILE B 84 -18.26 -16.03 -28.06
N GLU B 85 -19.26 -16.78 -27.60
CA GLU B 85 -19.91 -17.74 -28.47
C GLU B 85 -20.53 -17.05 -29.68
N ARG B 86 -21.07 -15.85 -29.50
CA ARG B 86 -21.69 -15.10 -30.60
C ARG B 86 -20.68 -14.33 -31.44
N GLY B 87 -19.38 -14.42 -31.12
CA GLY B 87 -18.40 -13.78 -31.98
C GLY B 87 -18.12 -12.31 -31.71
N VAL B 88 -18.63 -11.74 -30.61
CA VAL B 88 -18.37 -10.33 -30.29
C VAL B 88 -16.89 -10.07 -30.01
N PHE B 89 -16.26 -10.97 -29.26
CA PHE B 89 -14.82 -10.89 -29.01
C PHE B 89 -14.37 -12.31 -28.67
N ARG B 90 -13.08 -12.49 -28.39
CA ARG B 90 -12.60 -13.83 -28.04
C ARG B 90 -11.70 -13.74 -26.81
N LEU B 91 -11.44 -14.89 -26.19
CA LEU B 91 -10.61 -14.90 -24.98
C LEU B 91 -9.29 -14.14 -25.20
N SER B 92 -8.70 -14.31 -26.37
CA SER B 92 -7.39 -13.67 -26.62
C SER B 92 -7.51 -12.20 -27.04
N SER B 93 -8.72 -11.63 -27.11
CA SER B 93 -8.88 -10.24 -27.59
C SER B 93 -8.21 -9.27 -26.63
N PRO B 94 -7.31 -8.40 -27.12
CA PRO B 94 -6.76 -7.34 -26.26
C PRO B 94 -7.85 -6.30 -25.91
N ILE B 95 -7.98 -5.97 -24.62
CA ILE B 95 -9.05 -5.05 -24.27
C ILE B 95 -8.80 -3.64 -24.81
N GLN B 96 -7.55 -3.28 -25.09
CA GLN B 96 -7.27 -1.97 -25.66
C GLN B 96 -7.89 -1.81 -27.05
N ASN B 97 -8.23 -2.91 -27.72
CA ASN B 97 -8.89 -2.79 -29.02
C ASN B 97 -10.28 -2.19 -28.89
N PHE B 98 -10.89 -2.28 -27.70
CA PHE B 98 -12.23 -1.77 -27.49
C PHE B 98 -12.25 -0.48 -26.69
N ASP B 99 -11.25 -0.26 -25.83
CA ASP B 99 -11.08 1.00 -25.13
C ASP B 99 -9.60 1.34 -25.11
N PRO B 100 -9.15 2.27 -25.96
CA PRO B 100 -7.72 2.62 -25.97
C PRO B 100 -7.24 3.31 -24.71
N ARG B 101 -8.09 3.63 -23.73
CA ARG B 101 -7.56 4.12 -22.46
C ARG B 101 -6.71 3.06 -21.77
N PHE B 102 -6.88 1.79 -22.13
CA PHE B 102 -6.11 0.69 -21.55
C PHE B 102 -4.88 0.35 -22.39
N LYS B 103 -4.51 1.20 -23.33
CA LYS B 103 -3.24 1.06 -24.03
C LYS B 103 -2.15 1.57 -23.09
N SER B 104 -0.94 1.05 -23.25
CA SER B 104 0.20 1.58 -22.51
C SER B 104 0.03 1.50 -20.99
N MET B 105 -0.34 0.32 -20.49
CA MET B 105 -0.43 0.18 -19.06
C MET B 105 0.96 0.15 -18.44
N LYS B 106 1.01 0.51 -17.14
CA LYS B 106 2.24 0.39 -16.35
C LYS B 106 2.04 -0.62 -15.22
N VAL B 107 3.15 -1.02 -14.62
CA VAL B 107 3.15 -2.01 -13.55
C VAL B 107 3.97 -1.46 -12.38
N ILE B 108 3.42 -1.51 -11.17
CA ILE B 108 4.12 -1.05 -9.99
C ILE B 108 4.45 -2.25 -9.09
N ASP B 109 5.53 -2.16 -8.33
CA ASP B 109 5.84 -3.24 -7.37
C ASP B 109 6.00 -2.68 -5.95
N GLN B 110 6.21 -3.59 -4.99
CA GLN B 110 6.25 -3.21 -3.57
C GLN B 110 7.52 -2.44 -3.23
N HIS B 111 8.45 -2.31 -4.17
CA HIS B 111 9.69 -1.55 -4.01
C HIS B 111 9.61 -0.19 -4.70
N ALA B 112 8.41 0.29 -5.03
CA ALA B 112 8.18 1.61 -5.63
C ALA B 112 8.63 1.68 -7.09
N HIS B 113 9.01 0.56 -7.68
CA HIS B 113 9.46 0.54 -9.05
C HIS B 113 8.28 0.45 -10.01
N ILE B 114 8.26 1.30 -11.03
CA ILE B 114 7.19 1.31 -12.04
C ILE B 114 7.84 1.10 -13.42
N GLU B 115 7.23 0.25 -14.24
CA GLU B 115 7.72 0.03 -15.61
C GLU B 115 6.53 -0.26 -16.52
N PRO B 116 6.69 -0.13 -17.84
CA PRO B 116 5.62 -0.52 -18.77
C PRO B 116 5.27 -1.99 -18.66
N ALA B 117 3.96 -2.28 -18.75
CA ALA B 117 3.51 -3.67 -18.89
C ALA B 117 4.11 -4.30 -20.14
N THR B 118 4.58 -5.55 -20.01
CA THR B 118 5.17 -6.26 -21.13
C THR B 118 4.22 -7.19 -21.85
N ALA B 119 2.93 -7.21 -21.50
CA ALA B 119 1.91 -7.97 -22.21
C ALA B 119 0.61 -7.16 -22.20
N LEU B 120 -0.18 -7.32 -23.25
CA LEU B 120 -1.49 -6.66 -23.31
C LEU B 120 -2.50 -7.44 -22.47
N ILE B 121 -3.42 -6.70 -21.84
CA ILE B 121 -4.51 -7.35 -21.09
C ILE B 121 -5.53 -7.89 -22.07
N THR B 122 -5.94 -9.15 -21.90
CA THR B 122 -6.94 -9.78 -22.76
C THR B 122 -8.23 -10.02 -21.98
N ILE B 123 -9.26 -10.38 -22.74
CA ILE B 123 -10.53 -10.81 -22.15
C ILE B 123 -10.29 -11.97 -21.19
N GLU B 124 -9.45 -12.93 -21.61
CA GLU B 124 -9.21 -14.06 -20.71
C GLU B 124 -8.56 -13.59 -19.42
N HIS B 125 -7.62 -12.64 -19.50
CA HIS B 125 -7.02 -12.13 -18.26
C HIS B 125 -8.07 -11.54 -17.33
N LEU B 126 -9.05 -10.80 -17.87
CA LEU B 126 -10.07 -10.25 -16.99
C LEU B 126 -10.87 -11.37 -16.31
N LEU B 127 -11.28 -12.39 -17.09
CA LEU B 127 -12.11 -13.49 -16.55
C LEU B 127 -11.34 -14.33 -15.53
N THR B 128 -10.00 -14.37 -15.62
CA THR B 128 -9.22 -15.18 -14.67
C THR B 128 -8.54 -14.37 -13.57
N HIS B 129 -8.78 -13.05 -13.47
CA HIS B 129 -8.12 -12.20 -12.49
C HIS B 129 -6.59 -12.31 -12.60
N GLN B 130 -6.11 -12.45 -13.84
CA GLN B 130 -4.68 -12.43 -14.14
C GLN B 130 -4.28 -11.18 -14.91
N ALA B 131 -5.13 -10.15 -14.88
CA ALA B 131 -4.81 -8.95 -15.66
C ALA B 131 -3.83 -8.05 -14.91
N GLY B 132 -3.70 -8.22 -13.59
CA GLY B 132 -2.82 -7.35 -12.82
C GLY B 132 -3.55 -6.23 -12.09
N PHE B 133 -4.86 -6.14 -12.23
CA PHE B 133 -5.64 -5.20 -11.44
C PHE B 133 -5.66 -5.65 -9.99
N SER B 134 -6.00 -4.71 -9.09
CA SER B 134 -6.17 -5.05 -7.68
C SER B 134 -7.58 -4.70 -7.25
N TYR B 135 -7.75 -4.33 -5.99
CA TYR B 135 -9.04 -3.97 -5.44
C TYR B 135 -8.83 -2.96 -4.32
N ASP B 136 -9.80 -2.06 -4.12
CA ASP B 136 -9.63 -0.96 -3.15
C ASP B 136 -9.29 -1.47 -1.77
N PHE B 137 -9.93 -2.57 -1.37
CA PHE B 137 -9.84 -3.09 -0.01
C PHE B 137 -8.74 -4.13 0.15
N SER B 138 -7.80 -4.23 -0.81
CA SER B 138 -6.75 -5.22 -0.75
C SER B 138 -5.66 -4.79 0.25
N LEU B 139 -5.52 -5.54 1.33
CA LEU B 139 -4.58 -5.21 2.38
C LEU B 139 -3.14 -5.45 1.92
N GLY B 140 -2.27 -4.45 2.15
CA GLY B 140 -0.86 -4.64 1.81
C GLY B 140 -0.52 -4.50 0.34
N CYS B 141 -1.51 -4.20 -0.49
CA CYS B 141 -1.33 -4.13 -1.93
C CYS B 141 -0.52 -2.90 -2.32
N PRO B 142 0.43 -3.04 -3.26
CA PRO B 142 1.18 -1.85 -3.71
C PRO B 142 0.33 -0.71 -4.28
N ILE B 143 -0.87 -0.98 -4.81
CA ILE B 143 -1.63 0.09 -5.44
C ILE B 143 -2.99 0.33 -4.80
N SER B 144 -3.47 -0.52 -3.90
CA SER B 144 -4.86 -0.32 -3.43
C SER B 144 -5.07 1.05 -2.78
N ALA B 145 -4.03 1.64 -2.18
CA ALA B 145 -4.17 2.98 -1.62
C ALA B 145 -4.61 3.99 -2.68
N HIS B 146 -4.09 3.86 -3.92
CA HIS B 146 -4.47 4.77 -4.98
C HIS B 146 -5.89 4.48 -5.48
N TYR B 147 -6.31 3.20 -5.47
CA TYR B 147 -7.72 2.90 -5.72
C TYR B 147 -8.61 3.61 -4.71
N ARG B 148 -8.24 3.53 -3.44
CA ARG B 148 -9.07 4.13 -2.40
C ARG B 148 -9.11 5.65 -2.56
N ASP B 149 -7.97 6.26 -2.89
CA ASP B 149 -7.94 7.69 -3.11
C ASP B 149 -8.87 8.09 -4.24
N ALA B 150 -8.96 7.25 -5.27
CA ALA B 150 -9.83 7.48 -6.40
C ALA B 150 -11.29 7.09 -6.12
N GLN B 151 -11.56 6.42 -4.98
CA GLN B 151 -12.90 5.97 -4.59
C GLN B 151 -13.56 5.08 -5.65
N LEU B 152 -12.77 4.20 -6.28
CA LEU B 152 -13.31 3.38 -7.35
C LEU B 152 -14.54 2.59 -6.88
N ILE B 153 -14.43 1.93 -5.72
CA ILE B 153 -15.58 1.17 -5.20
C ILE B 153 -16.54 2.06 -4.43
N GLU B 154 -16.00 3.01 -3.68
CA GLU B 154 -16.87 3.80 -2.78
C GLU B 154 -17.87 4.67 -3.56
N ASP B 155 -17.48 5.20 -4.72
CA ASP B 155 -18.30 6.18 -5.43
C ASP B 155 -19.23 5.43 -6.40
N GLY B 156 -20.29 4.84 -5.84
CA GLY B 156 -21.20 4.09 -6.68
C GLY B 156 -22.03 4.94 -7.61
N GLY B 157 -22.18 6.23 -7.30
CA GLY B 157 -22.90 7.13 -8.21
C GLY B 157 -22.13 7.48 -9.47
N ARG B 158 -20.83 7.17 -9.54
CA ARG B 158 -20.07 7.43 -10.74
C ARG B 158 -20.43 6.44 -11.83
N ASP B 159 -20.63 6.93 -13.04
CA ASP B 159 -20.95 6.02 -14.12
C ASP B 159 -19.80 5.05 -14.36
N LEU B 160 -20.14 3.78 -14.62
CA LEU B 160 -19.11 2.76 -14.91
C LEU B 160 -18.05 3.26 -15.91
N THR B 161 -18.51 3.86 -17.02
CA THR B 161 -17.60 4.32 -18.06
C THR B 161 -16.58 5.31 -17.51
N ASP B 162 -17.04 6.20 -16.64
CA ASP B 162 -16.15 7.21 -16.07
C ASP B 162 -15.22 6.61 -15.02
N MET B 163 -15.74 5.71 -14.19
CA MET B 163 -14.88 5.05 -13.20
C MET B 163 -13.75 4.31 -13.89
N MET B 164 -14.04 3.71 -15.03
CA MET B 164 -13.03 2.99 -15.80
C MET B 164 -11.95 3.91 -16.34
N GLY B 165 -12.31 5.13 -16.74
CA GLY B 165 -11.27 6.08 -17.15
C GLY B 165 -10.29 6.38 -16.04
N VAL B 166 -10.79 6.48 -14.81
CA VAL B 166 -9.93 6.77 -13.66
C VAL B 166 -9.03 5.58 -13.36
N LEU B 167 -9.60 4.38 -13.35
CA LEU B 167 -8.84 3.14 -13.13
C LEU B 167 -7.73 2.96 -14.17
N ALA B 168 -8.04 3.24 -15.43
CA ALA B 168 -7.11 2.97 -16.52
C ALA B 168 -5.81 3.73 -16.37
N GLU B 169 -5.82 4.85 -15.65
CA GLU B 169 -4.62 5.66 -15.47
C GLU B 169 -3.69 5.11 -14.39
N LEU B 170 -4.14 4.12 -13.62
CA LEU B 170 -3.37 3.60 -12.50
C LEU B 170 -2.55 2.39 -12.92
N PRO B 171 -1.42 2.12 -12.29
CA PRO B 171 -0.63 0.95 -12.67
C PRO B 171 -1.25 -0.34 -12.16
N LEU B 172 -0.92 -1.42 -12.86
CA LEU B 172 -1.17 -2.80 -12.47
C LEU B 172 -0.16 -3.21 -11.41
N VAL B 173 -0.39 -4.35 -10.74
CA VAL B 173 0.56 -4.84 -9.74
C VAL B 173 1.34 -6.06 -10.21
N PHE B 174 1.14 -6.52 -11.43
CA PHE B 174 2.05 -7.46 -12.07
C PHE B 174 1.77 -7.41 -13.57
N HIS B 175 2.68 -8.00 -14.35
CA HIS B 175 2.46 -8.00 -15.80
C HIS B 175 1.32 -8.94 -16.19
N PRO B 176 0.43 -8.51 -17.07
CA PRO B 176 -0.74 -9.33 -17.44
C PRO B 176 -0.35 -10.77 -17.77
N GLY B 177 -1.07 -11.72 -17.16
CA GLY B 177 -0.91 -13.12 -17.43
C GLY B 177 0.06 -13.84 -16.51
N THR B 178 0.85 -13.12 -15.73
CA THR B 178 1.94 -13.75 -15.00
C THR B 178 1.61 -14.16 -13.57
N GLN B 179 0.49 -13.69 -13.01
CA GLN B 179 0.10 -14.00 -11.63
C GLN B 179 -1.41 -13.98 -11.52
N TRP B 180 -1.90 -14.32 -10.33
CA TRP B 180 -3.32 -14.24 -10.03
C TRP B 180 -3.56 -13.31 -8.84
N LYS B 181 -4.52 -12.42 -8.98
CA LYS B 181 -4.93 -11.64 -7.81
C LYS B 181 -6.37 -11.22 -8.01
N TYR B 182 -7.23 -11.59 -7.05
CA TYR B 182 -8.65 -11.27 -7.14
C TYR B 182 -8.85 -9.75 -7.23
N SER B 183 -9.74 -9.29 -8.10
CA SER B 183 -9.58 -7.90 -8.56
C SER B 183 -10.89 -7.29 -9.08
N ILE B 184 -10.78 -6.00 -9.41
CA ILE B 184 -11.75 -5.17 -10.11
C ILE B 184 -11.87 -5.56 -11.60
N SER B 185 -11.17 -6.62 -12.04
CA SER B 185 -11.18 -6.93 -13.49
C SER B 185 -12.55 -7.33 -14.04
N THR B 186 -13.48 -7.84 -13.21
CA THR B 186 -14.81 -8.13 -13.71
C THR B 186 -15.56 -6.85 -14.03
N ASP B 187 -15.26 -5.77 -13.31
CA ASP B 187 -15.82 -4.46 -13.67
C ASP B 187 -15.24 -3.98 -14.99
N VAL B 188 -13.93 -4.16 -15.19
CA VAL B 188 -13.36 -3.85 -16.48
C VAL B 188 -14.04 -4.67 -17.57
N LEU B 189 -14.29 -5.96 -17.29
CA LEU B 189 -14.99 -6.80 -18.25
C LEU B 189 -16.37 -6.25 -18.61
N ALA B 190 -17.17 -5.87 -17.58
CA ALA B 190 -18.48 -5.28 -17.89
C ALA B 190 -18.32 -4.06 -18.79
N HIS B 191 -17.33 -3.23 -18.49
CA HIS B 191 -17.10 -2.04 -19.31
C HIS B 191 -16.69 -2.40 -20.74
N ILE B 192 -15.80 -3.37 -20.91
CA ILE B 192 -15.37 -3.77 -22.25
C ILE B 192 -16.50 -4.40 -23.03
N ILE B 193 -17.40 -5.14 -22.35
CA ILE B 193 -18.61 -5.63 -22.98
C ILE B 193 -19.40 -4.47 -23.58
N GLU B 194 -19.54 -3.38 -22.82
CA GLU B 194 -20.27 -2.21 -23.33
C GLU B 194 -19.55 -1.62 -24.51
N CYS B 195 -18.22 -1.48 -24.43
CA CYS B 195 -17.47 -0.94 -25.56
C CYS B 195 -17.65 -1.79 -26.80
N ALA B 196 -17.61 -3.11 -26.63
CA ALA B 196 -17.61 -4.00 -27.78
C ALA B 196 -18.98 -4.11 -28.42
N THR B 197 -20.04 -3.99 -27.63
CA THR B 197 -21.38 -4.18 -28.16
C THR B 197 -22.09 -2.88 -28.47
N GLY B 198 -21.66 -1.77 -27.89
CA GLY B 198 -22.46 -0.56 -27.99
C GLY B 198 -23.70 -0.57 -27.12
N GLU B 199 -23.87 -1.57 -26.25
CA GLU B 199 -25.02 -1.64 -25.36
C GLU B 199 -24.60 -1.61 -23.90
N ARG B 200 -25.56 -1.35 -22.99
CA ARG B 200 -25.23 -1.31 -21.57
C ARG B 200 -25.27 -2.72 -20.98
N VAL B 201 -24.40 -2.97 -20.00
CA VAL B 201 -24.29 -4.32 -19.46
C VAL B 201 -25.58 -4.73 -18.74
N ASP B 202 -26.28 -3.77 -18.13
CA ASP B 202 -27.51 -4.15 -17.42
C ASP B 202 -28.59 -4.56 -18.40
N ASP B 203 -28.67 -3.89 -19.56
CA ASP B 203 -29.63 -4.28 -20.60
C ASP B 203 -29.27 -5.63 -21.20
N LEU B 204 -27.99 -5.88 -21.42
CA LEU B 204 -27.57 -7.17 -21.96
C LEU B 204 -27.89 -8.28 -20.97
N LEU B 205 -27.62 -8.04 -19.68
CA LEU B 205 -27.93 -9.06 -18.68
C LEU B 205 -29.43 -9.35 -18.67
N GLN B 206 -30.24 -8.29 -18.75
CA GLN B 206 -31.70 -8.42 -18.75
C GLN B 206 -32.18 -9.30 -19.90
N ARG B 207 -31.74 -8.98 -21.12
CA ARG B 207 -32.24 -9.63 -22.33
C ARG B 207 -31.69 -11.05 -22.45
N LEU B 208 -30.40 -11.23 -22.15
CA LEU B 208 -29.73 -12.49 -22.49
C LEU B 208 -29.80 -13.54 -21.39
N ILE B 209 -29.94 -13.11 -20.12
CA ILE B 209 -29.88 -14.02 -18.97
C ILE B 209 -31.14 -13.92 -18.10
N PHE B 210 -31.43 -12.74 -17.54
CA PHE B 210 -32.48 -12.66 -16.52
C PHE B 210 -33.85 -12.99 -17.12
N ASP B 211 -34.20 -12.36 -18.24
CA ASP B 211 -35.52 -12.63 -18.81
C ASP B 211 -35.70 -14.08 -19.25
N PRO B 212 -34.75 -14.72 -19.95
CA PRO B 212 -34.93 -16.13 -20.31
C PRO B 212 -35.05 -17.06 -19.12
N LEU B 213 -34.43 -16.74 -17.98
CA LEU B 213 -34.46 -17.58 -16.80
C LEU B 213 -35.53 -17.14 -15.80
N ASP B 214 -36.33 -16.14 -16.18
CA ASP B 214 -37.41 -15.61 -15.35
C ASP B 214 -36.90 -15.08 -13.99
N MET B 215 -35.72 -14.43 -13.99
CA MET B 215 -35.15 -13.82 -12.79
C MET B 215 -35.67 -12.38 -12.69
N GLN B 216 -36.96 -12.27 -12.33
CA GLN B 216 -37.61 -10.98 -12.42
C GLN B 216 -37.19 -10.03 -11.31
N ASP B 217 -36.51 -10.50 -10.28
CA ASP B 217 -36.14 -9.63 -9.18
C ASP B 217 -34.65 -9.29 -9.17
N THR B 218 -33.93 -9.61 -10.23
CA THR B 218 -32.48 -9.46 -10.24
C THR B 218 -32.10 -8.26 -11.09
N GLY B 219 -31.26 -7.38 -10.56
CA GLY B 219 -30.85 -6.19 -11.28
C GLY B 219 -30.07 -5.29 -10.35
N PHE B 220 -29.60 -4.16 -10.91
CA PHE B 220 -28.76 -3.22 -10.17
C PHE B 220 -29.57 -2.18 -9.40
N SER B 221 -30.89 -2.22 -9.52
CA SER B 221 -31.76 -1.40 -8.68
C SER B 221 -32.91 -2.28 -8.18
N LEU B 222 -33.51 -1.84 -7.07
CA LEU B 222 -34.66 -2.57 -6.53
C LEU B 222 -35.83 -2.56 -7.51
N PRO B 223 -36.61 -3.65 -7.57
CA PRO B 223 -37.91 -3.61 -8.29
C PRO B 223 -38.84 -2.60 -7.64
N LEU B 224 -39.94 -2.29 -8.34
CA LEU B 224 -40.88 -1.28 -7.86
C LEU B 224 -41.36 -1.56 -6.43
N ASP B 225 -41.75 -2.80 -6.16
CA ASP B 225 -42.20 -3.20 -4.83
C ASP B 225 -41.07 -3.74 -3.96
N GLY B 226 -39.84 -3.26 -4.18
CA GLY B 226 -38.66 -3.91 -3.62
C GLY B 226 -38.23 -3.46 -2.25
N ALA B 227 -38.50 -2.20 -1.87
CA ALA B 227 -37.95 -1.68 -0.62
C ALA B 227 -38.42 -2.48 0.59
N SER B 228 -39.68 -2.90 0.58
CA SER B 228 -40.20 -3.65 1.72
C SER B 228 -39.63 -5.06 1.80
N ARG B 229 -39.00 -5.56 0.73
CA ARG B 229 -38.44 -6.92 0.75
C ARG B 229 -36.93 -6.97 0.92
N LEU B 230 -36.26 -5.83 0.91
CA LEU B 230 -34.80 -5.76 1.05
C LEU B 230 -34.38 -6.12 2.47
N MET B 231 -33.58 -7.17 2.60
CA MET B 231 -33.04 -7.59 3.89
C MET B 231 -32.07 -6.55 4.42
N GLU B 232 -32.07 -6.35 5.75
CA GLU B 232 -31.09 -5.46 6.37
C GLU B 232 -29.69 -6.07 6.29
N VAL B 233 -28.69 -5.20 6.15
CA VAL B 233 -27.30 -5.66 6.07
C VAL B 233 -26.58 -5.24 7.33
N TYR B 234 -25.83 -6.17 7.92
CA TYR B 234 -25.13 -6.00 9.18
C TYR B 234 -23.61 -6.10 8.98
N GLY B 235 -22.87 -5.58 9.95
CA GLY B 235 -21.42 -5.63 9.94
C GLY B 235 -20.80 -4.25 9.96
N MET B 236 -19.47 -4.22 10.02
CA MET B 236 -18.68 -2.99 10.21
C MET B 236 -17.78 -2.77 9.00
N ARG B 237 -18.07 -1.76 8.19
CA ARG B 237 -17.12 -1.37 7.15
C ARG B 237 -16.05 -0.47 7.76
N SER B 238 -14.79 -0.72 7.41
CA SER B 238 -13.70 -0.02 8.09
C SER B 238 -13.72 1.47 7.77
N LEU B 239 -13.28 2.26 8.76
CA LEU B 239 -13.17 3.71 8.59
C LEU B 239 -12.30 4.03 7.39
N HIS B 240 -12.77 4.96 6.56
CA HIS B 240 -12.07 5.46 5.37
C HIS B 240 -11.78 4.35 4.37
N GLY B 241 -12.35 3.15 4.56
CA GLY B 241 -12.00 2.04 3.73
C GLY B 241 -10.59 1.52 3.91
N LEU B 242 -9.89 1.96 4.96
CA LEU B 242 -8.54 1.45 5.19
C LEU B 242 -8.58 -0.04 5.54
N PRO B 243 -7.88 -0.91 4.81
CA PRO B 243 -8.01 -2.35 5.06
C PRO B 243 -7.58 -2.67 6.48
N ALA B 244 -8.40 -3.46 7.18
CA ALA B 244 -8.13 -3.72 8.59
C ALA B 244 -6.99 -4.70 8.76
N LEU B 245 -6.25 -4.52 9.85
CA LEU B 245 -5.14 -5.40 10.18
C LEU B 245 -5.57 -6.63 10.95
N LYS B 246 -6.79 -6.65 11.46
CA LYS B 246 -7.36 -7.82 12.11
C LYS B 246 -8.87 -7.72 12.02
N PRO B 247 -9.59 -8.82 12.15
CA PRO B 247 -11.05 -8.76 11.99
C PRO B 247 -11.71 -7.89 13.05
N ALA B 248 -12.70 -7.11 12.63
CA ALA B 248 -13.54 -6.43 13.60
C ALA B 248 -14.39 -7.46 14.35
N PRO B 249 -14.76 -7.17 15.59
CA PRO B 249 -15.68 -8.07 16.30
C PRO B 249 -16.94 -8.31 15.48
N HIS B 250 -17.44 -9.54 15.52
CA HIS B 250 -18.58 -9.95 14.71
C HIS B 250 -19.84 -9.59 15.49
N VAL B 251 -20.49 -8.49 15.11
CA VAL B 251 -21.62 -7.98 15.88
C VAL B 251 -22.71 -7.53 14.92
N LEU B 252 -23.96 -7.88 15.23
CA LEU B 252 -25.11 -7.51 14.39
C LEU B 252 -25.48 -6.06 14.63
N VAL B 253 -24.72 -5.18 13.98
CA VAL B 253 -25.00 -3.75 13.89
C VAL B 253 -25.28 -3.43 12.43
N PRO B 254 -26.35 -2.69 12.10
CA PRO B 254 -26.60 -2.37 10.69
C PRO B 254 -25.39 -1.69 10.08
N ALA B 255 -25.05 -2.10 8.86
CA ALA B 255 -23.87 -1.57 8.19
C ALA B 255 -24.24 -0.30 7.41
N ASP B 256 -23.28 0.62 7.33
CA ASP B 256 -23.41 1.84 6.54
C ASP B 256 -22.68 1.63 5.22
N LEU B 257 -23.43 1.60 4.12
CA LEU B 257 -22.88 1.35 2.80
C LEU B 257 -22.42 2.62 2.08
N GLY B 258 -22.51 3.78 2.72
CA GLY B 258 -22.14 5.02 2.06
C GLY B 258 -22.91 5.20 0.77
N SER B 259 -22.21 5.61 -0.29
CA SER B 259 -22.83 5.72 -1.58
C SER B 259 -22.39 4.59 -2.51
N SER B 260 -21.88 3.49 -1.94
CA SER B 260 -21.33 2.39 -2.75
C SER B 260 -22.37 1.49 -3.38
N HIS B 261 -23.62 1.45 -2.88
CA HIS B 261 -24.55 0.41 -3.30
C HIS B 261 -25.96 0.99 -3.37
N PRO B 262 -26.19 1.94 -4.30
CA PRO B 262 -27.51 2.59 -4.36
C PRO B 262 -28.64 1.61 -4.63
N THR B 263 -29.83 1.95 -4.12
CA THR B 263 -31.01 1.12 -4.36
C THR B 263 -31.82 1.56 -5.57
N ASP B 264 -31.71 2.82 -6.00
CA ASP B 264 -32.62 3.30 -7.03
C ASP B 264 -31.92 4.22 -8.02
N ASP B 265 -30.68 3.88 -8.38
CA ASP B 265 -29.94 4.64 -9.38
C ASP B 265 -30.09 3.95 -10.72
N PRO B 266 -30.79 4.55 -11.69
CA PRO B 266 -31.05 3.85 -12.95
C PRO B 266 -29.80 3.66 -13.81
N ASP B 267 -28.68 4.28 -13.47
CA ASP B 267 -27.47 4.09 -14.25
C ASP B 267 -26.40 3.30 -13.51
N PHE B 268 -26.66 2.94 -12.26
CA PHE B 268 -25.72 2.11 -11.49
C PHE B 268 -25.62 0.73 -12.14
N ARG B 269 -24.41 0.36 -12.52
CA ARG B 269 -24.16 -0.96 -13.07
C ARG B 269 -22.67 -1.25 -12.90
N ARG B 270 -22.35 -2.50 -12.57
CA ARG B 270 -20.96 -2.87 -12.34
C ARG B 270 -20.77 -4.30 -12.84
N GLY B 271 -19.51 -4.76 -12.87
CA GLY B 271 -19.28 -6.15 -13.19
C GLY B 271 -18.95 -7.05 -12.00
N GLY B 272 -18.41 -6.49 -10.92
CA GLY B 272 -17.91 -7.34 -9.85
C GLY B 272 -18.81 -7.38 -8.61
N HIS B 273 -19.83 -6.52 -8.58
CA HIS B 273 -20.77 -6.42 -7.46
C HIS B 273 -21.95 -5.58 -7.91
N GLY B 274 -22.89 -5.37 -6.98
CA GLY B 274 -23.97 -4.42 -7.18
C GLY B 274 -25.34 -4.99 -7.51
N LEU B 275 -25.42 -6.25 -7.90
CA LEU B 275 -26.73 -6.82 -8.16
C LEU B 275 -27.50 -7.08 -6.87
N TYR B 276 -28.80 -6.86 -6.96
CA TYR B 276 -29.78 -7.37 -6.01
C TYR B 276 -30.37 -8.63 -6.62
N SER B 277 -30.69 -9.61 -5.77
CA SER B 277 -31.35 -10.80 -6.26
C SER B 277 -32.12 -11.45 -5.12
N THR B 278 -32.70 -12.62 -5.43
CA THR B 278 -33.46 -13.42 -4.47
C THR B 278 -32.91 -14.84 -4.49
N LEU B 279 -33.23 -15.59 -3.43
CA LEU B 279 -32.87 -17.00 -3.42
C LEU B 279 -33.41 -17.69 -4.66
N ASP B 280 -34.69 -17.49 -4.96
CA ASP B 280 -35.28 -18.20 -6.10
C ASP B 280 -34.62 -17.79 -7.42
N ASP B 281 -34.35 -16.49 -7.63
CA ASP B 281 -33.69 -16.06 -8.86
C ASP B 281 -32.31 -16.68 -9.00
N TYR B 282 -31.53 -16.64 -7.92
CA TYR B 282 -30.15 -17.13 -8.05
C TYR B 282 -30.12 -18.63 -8.27
N MET B 283 -31.07 -19.36 -7.67
CA MET B 283 -31.13 -20.80 -7.94
C MET B 283 -31.45 -21.09 -9.41
N ALA B 284 -32.25 -20.22 -10.05
CA ALA B 284 -32.50 -20.44 -11.47
C ALA B 284 -31.21 -20.33 -12.27
N PHE B 285 -30.38 -19.34 -11.94
CA PHE B 285 -29.09 -19.21 -12.60
C PHE B 285 -28.19 -20.41 -12.31
N ALA B 286 -28.09 -20.80 -11.02
CA ALA B 286 -27.24 -21.95 -10.67
C ALA B 286 -27.69 -23.23 -11.38
N ASN B 287 -29.00 -23.51 -11.40
CA ASN B 287 -29.46 -24.72 -12.07
C ASN B 287 -29.13 -24.68 -13.55
N MET B 288 -29.22 -23.50 -14.16
CA MET B 288 -28.91 -23.37 -15.58
C MET B 288 -27.46 -23.80 -15.86
N LEU B 289 -26.55 -23.51 -14.91
CA LEU B 289 -25.13 -23.85 -15.10
C LEU B 289 -24.85 -25.36 -15.12
N LEU B 290 -25.82 -26.20 -14.75
CA LEU B 290 -25.65 -27.66 -14.95
C LEU B 290 -25.72 -28.07 -16.42
N SER B 291 -26.30 -27.23 -17.28
CA SER B 291 -26.56 -27.63 -18.65
C SER B 291 -26.31 -26.54 -19.66
N GLY B 292 -26.32 -25.28 -19.27
CA GLY B 292 -26.30 -24.19 -20.23
C GLY B 292 -27.66 -23.88 -20.84
N GLN B 293 -28.72 -24.50 -20.34
CA GLN B 293 -30.05 -24.39 -20.95
C GLN B 293 -31.03 -23.81 -19.94
N THR B 294 -32.07 -23.14 -20.47
CA THR B 294 -33.21 -22.80 -19.63
C THR B 294 -34.01 -24.07 -19.35
N PRO B 295 -34.89 -24.04 -18.35
CA PRO B 295 -35.71 -25.23 -18.09
C PRO B 295 -36.55 -25.65 -19.29
N GLU B 296 -36.92 -24.70 -20.15
CA GLU B 296 -37.67 -24.98 -21.35
C GLU B 296 -36.82 -25.64 -22.44
N GLY B 297 -35.50 -25.62 -22.31
CA GLY B 297 -34.60 -26.20 -23.27
C GLY B 297 -33.92 -25.22 -24.21
N GLU B 298 -34.17 -23.92 -24.08
CA GLU B 298 -33.43 -22.92 -24.83
C GLU B 298 -31.98 -22.91 -24.38
N THR B 299 -31.05 -22.85 -25.33
CA THR B 299 -29.62 -22.81 -25.02
C THR B 299 -29.16 -21.38 -24.77
N LEU B 300 -28.66 -21.11 -23.55
CA LEU B 300 -27.97 -19.85 -23.32
C LEU B 300 -26.49 -19.96 -23.63
N LEU B 301 -25.91 -21.14 -23.45
CA LEU B 301 -24.49 -21.33 -23.77
C LEU B 301 -24.34 -22.79 -24.19
N SER B 302 -23.67 -23.01 -25.33
CA SER B 302 -23.54 -24.36 -25.85
C SER B 302 -22.75 -25.23 -24.87
N PRO B 303 -22.91 -26.55 -24.96
CA PRO B 303 -22.12 -27.43 -24.09
C PRO B 303 -20.61 -27.24 -24.26
N ALA B 304 -20.13 -26.99 -25.48
CA ALA B 304 -18.68 -26.88 -25.69
C ALA B 304 -18.14 -25.62 -25.01
N VAL B 305 -18.85 -24.50 -25.10
CA VAL B 305 -18.32 -23.28 -24.48
C VAL B 305 -18.56 -23.33 -22.98
N LEU B 306 -19.65 -23.96 -22.53
CA LEU B 306 -19.78 -24.13 -21.09
C LEU B 306 -18.62 -24.98 -20.55
N LYS B 307 -18.24 -26.05 -21.27
CA LYS B 307 -17.09 -26.85 -20.81
C LYS B 307 -15.81 -26.01 -20.80
N LEU B 308 -15.63 -25.17 -21.84
CA LEU B 308 -14.49 -24.24 -21.88
C LEU B 308 -14.48 -23.31 -20.65
N ALA B 309 -15.64 -22.81 -20.25
CA ALA B 309 -15.76 -21.89 -19.13
C ALA B 309 -15.53 -22.58 -17.80
N LEU B 310 -15.89 -23.87 -17.68
CA LEU B 310 -15.80 -24.51 -16.37
C LEU B 310 -14.47 -25.24 -16.15
N ALA B 311 -13.70 -25.48 -17.20
CA ALA B 311 -12.48 -26.26 -17.04
C ALA B 311 -11.48 -25.51 -16.16
N PRO B 312 -10.74 -26.21 -15.28
CA PRO B 312 -9.76 -25.52 -14.44
C PRO B 312 -8.72 -24.83 -15.31
N ARG B 313 -8.51 -23.54 -15.02
CA ARG B 313 -7.74 -22.67 -15.88
C ARG B 313 -6.57 -22.00 -15.19
N VAL B 314 -6.69 -21.70 -13.90
CA VAL B 314 -5.61 -21.15 -13.10
C VAL B 314 -5.33 -22.13 -12.00
N HIS B 315 -4.08 -22.57 -11.89
CA HIS B 315 -3.70 -23.54 -10.88
C HIS B 315 -2.76 -22.87 -9.88
N PHE B 316 -2.85 -23.27 -8.63
CA PHE B 316 -2.13 -22.54 -7.60
C PHE B 316 -1.03 -23.36 -6.97
N GLY B 317 -0.02 -22.65 -6.46
CA GLY B 317 1.12 -23.27 -5.79
C GLY B 317 0.73 -23.81 -4.43
N ALA B 318 1.72 -24.09 -3.59
CA ALA B 318 1.42 -24.73 -2.31
C ALA B 318 0.64 -23.79 -1.40
N ARG B 319 0.83 -22.48 -1.57
CA ARG B 319 0.03 -21.49 -0.85
C ARG B 319 -1.44 -21.56 -1.25
N GLY B 320 -1.75 -22.09 -2.42
CA GLY B 320 -3.16 -22.19 -2.84
C GLY B 320 -3.75 -20.86 -3.26
N MET B 321 -5.03 -20.91 -3.57
CA MET B 321 -5.81 -19.74 -3.95
C MET B 321 -6.11 -18.94 -2.68
N ARG B 322 -5.82 -17.64 -2.67
CA ARG B 322 -6.07 -16.84 -1.46
C ARG B 322 -6.57 -15.45 -1.84
N ILE B 323 -7.48 -14.92 -1.04
CA ILE B 323 -7.99 -13.54 -1.22
C ILE B 323 -7.77 -12.80 0.10
N ASN B 324 -6.94 -11.78 0.07
CA ASN B 324 -6.58 -11.13 1.33
C ASN B 324 -6.09 -12.16 2.36
N ASP B 325 -5.35 -13.15 1.86
CA ASP B 325 -4.73 -14.23 2.62
C ASP B 325 -5.74 -15.24 3.18
N GLU B 326 -7.02 -15.11 2.86
CA GLU B 326 -7.99 -16.17 3.22
C GLU B 326 -7.92 -17.31 2.20
N PRO B 327 -7.88 -18.58 2.62
CA PRO B 327 -7.67 -19.66 1.66
C PRO B 327 -8.95 -20.21 1.07
N PHE B 328 -8.81 -20.76 -0.15
CA PHE B 328 -9.85 -21.53 -0.82
C PHE B 328 -9.22 -22.88 -1.12
N ALA B 329 -9.22 -23.75 -0.11
CA ALA B 329 -8.36 -24.93 -0.13
C ALA B 329 -8.86 -25.95 -1.15
N GLY B 330 -7.96 -26.44 -1.99
CA GLY B 330 -8.32 -27.40 -3.03
C GLY B 330 -9.06 -26.81 -4.23
N TYR B 331 -9.26 -25.49 -4.28
CA TYR B 331 -9.92 -24.87 -5.41
C TYR B 331 -8.92 -24.33 -6.42
N SER B 332 -9.24 -24.50 -7.70
CA SER B 332 -8.63 -23.76 -8.80
C SER B 332 -9.63 -22.71 -9.28
N TRP B 333 -9.26 -22.00 -10.33
CA TRP B 333 -10.11 -20.94 -10.87
C TRP B 333 -10.46 -21.28 -12.31
N ASN B 334 -11.73 -21.11 -12.68
CA ASN B 334 -12.15 -21.22 -14.08
C ASN B 334 -12.71 -19.84 -14.51
N LEU B 335 -13.31 -19.76 -15.71
CA LEU B 335 -13.72 -18.44 -16.23
C LEU B 335 -14.91 -17.84 -15.48
N LEU B 336 -15.57 -18.62 -14.61
CA LEU B 336 -16.71 -18.14 -13.84
C LEU B 336 -16.47 -18.04 -12.34
N GLY B 337 -15.37 -18.62 -11.82
CA GLY B 337 -15.19 -18.57 -10.36
C GLY B 337 -14.38 -19.78 -9.88
N ARG B 338 -14.71 -20.28 -8.69
CA ARG B 338 -13.89 -21.38 -8.12
C ARG B 338 -14.30 -22.72 -8.69
N VAL B 339 -13.37 -23.67 -8.69
CA VAL B 339 -13.78 -25.03 -9.04
C VAL B 339 -12.91 -26.00 -8.25
N MET B 340 -13.56 -27.01 -7.65
CA MET B 340 -12.85 -27.97 -6.78
C MET B 340 -12.03 -28.92 -7.63
N THR B 341 -10.70 -28.91 -7.43
CA THR B 341 -9.82 -29.79 -8.19
C THR B 341 -9.05 -30.80 -7.34
N ASP B 342 -9.21 -30.79 -6.01
CA ASP B 342 -8.55 -31.82 -5.19
C ASP B 342 -9.30 -31.97 -3.88
N VAL B 343 -10.19 -32.98 -3.81
CA VAL B 343 -10.95 -33.21 -2.58
C VAL B 343 -10.02 -33.48 -1.41
N GLY B 344 -8.87 -34.10 -1.68
CA GLY B 344 -7.92 -34.35 -0.61
C GLY B 344 -7.25 -33.12 -0.05
N ALA B 345 -7.39 -31.96 -0.69
CA ALA B 345 -6.90 -30.69 -0.15
C ALA B 345 -8.04 -29.83 0.37
N ALA B 346 -9.28 -30.27 0.18
CA ALA B 346 -10.43 -29.44 0.50
C ALA B 346 -10.62 -29.34 2.00
N ALA B 347 -11.11 -28.17 2.45
CA ALA B 347 -11.27 -27.91 3.88
C ALA B 347 -12.70 -28.14 4.38
N TYR B 348 -13.61 -28.52 3.48
CA TYR B 348 -14.99 -28.83 3.83
C TYR B 348 -15.60 -29.65 2.70
N ALA B 349 -16.66 -30.39 3.04
CA ALA B 349 -17.23 -31.41 2.17
C ALA B 349 -17.60 -30.84 0.82
N THR B 350 -17.30 -31.61 -0.23
CA THR B 350 -17.41 -31.20 -1.63
C THR B 350 -17.20 -32.44 -2.49
N HIS B 351 -17.31 -32.26 -3.81
CA HIS B 351 -16.92 -33.28 -4.77
C HIS B 351 -16.08 -32.65 -5.86
N LEU B 352 -15.24 -33.47 -6.47
CA LEU B 352 -14.47 -32.97 -7.62
C LEU B 352 -15.40 -32.31 -8.63
N GLY B 353 -15.03 -31.09 -9.05
CA GLY B 353 -15.78 -30.37 -10.06
C GLY B 353 -16.83 -29.42 -9.50
N GLU B 354 -17.09 -29.45 -8.19
CA GLU B 354 -18.01 -28.48 -7.59
C GLU B 354 -17.50 -27.08 -7.90
N PHE B 355 -18.41 -26.18 -8.30
CA PHE B 355 -17.97 -24.83 -8.65
C PHE B 355 -18.98 -23.80 -8.17
N GLY B 356 -18.59 -22.51 -8.26
CA GLY B 356 -19.49 -21.46 -7.78
C GLY B 356 -18.69 -20.26 -7.29
N TRP B 357 -19.36 -19.39 -6.54
CA TRP B 357 -18.65 -18.26 -5.95
C TRP B 357 -19.48 -17.77 -4.76
N SER B 358 -19.24 -16.53 -4.31
CA SER B 358 -19.79 -16.05 -3.05
C SER B 358 -19.62 -14.54 -3.02
N GLY B 359 -20.20 -13.91 -1.99
CA GLY B 359 -20.14 -12.47 -1.85
C GLY B 359 -19.80 -12.05 -0.44
N VAL B 360 -19.33 -10.80 -0.31
CA VAL B 360 -18.80 -10.30 0.95
C VAL B 360 -19.87 -10.12 2.02
N ALA B 361 -21.15 -10.08 1.64
CA ALA B 361 -22.22 -10.09 2.65
C ALA B 361 -22.65 -11.51 3.01
N ALA B 362 -21.81 -12.49 2.70
CA ALA B 362 -21.89 -13.90 3.13
C ALA B 362 -22.86 -14.72 2.30
N THR B 363 -23.41 -14.18 1.21
CA THR B 363 -24.14 -15.05 0.26
C THR B 363 -23.17 -16.04 -0.37
N TYR B 364 -23.70 -17.21 -0.75
CA TYR B 364 -22.82 -18.29 -1.21
C TYR B 364 -23.63 -19.22 -2.10
N PHE B 365 -23.02 -19.74 -3.19
CA PHE B 365 -23.74 -20.78 -3.92
C PHE B 365 -22.76 -21.80 -4.45
N TRP B 366 -23.28 -22.98 -4.78
CA TRP B 366 -22.45 -23.94 -5.46
C TRP B 366 -23.28 -24.74 -6.47
N VAL B 367 -22.56 -25.36 -7.39
CA VAL B 367 -23.11 -26.29 -8.36
C VAL B 367 -22.24 -27.54 -8.29
N ASP B 368 -22.85 -28.72 -8.14
CA ASP B 368 -22.10 -29.95 -7.96
C ASP B 368 -22.53 -30.91 -9.05
N PRO B 369 -21.81 -30.96 -10.18
CA PRO B 369 -22.25 -31.80 -11.30
C PRO B 369 -22.32 -33.28 -10.97
N THR B 370 -21.47 -33.78 -10.07
CA THR B 370 -21.52 -35.20 -9.74
C THR B 370 -22.84 -35.62 -9.09
N LYS B 371 -23.54 -34.69 -8.47
CA LYS B 371 -24.82 -34.98 -7.83
C LYS B 371 -26.00 -34.29 -8.52
N ASN B 372 -25.78 -33.68 -9.70
CA ASN B 372 -26.79 -32.83 -10.36
C ASN B 372 -27.43 -31.88 -9.36
N MET B 373 -26.59 -31.26 -8.52
CA MET B 373 -27.03 -30.56 -7.33
C MET B 373 -26.63 -29.09 -7.41
N THR B 374 -27.51 -28.22 -6.92
CA THR B 374 -27.16 -26.81 -6.74
C THR B 374 -27.60 -26.39 -5.36
N GLY B 375 -26.95 -25.37 -4.81
CA GLY B 375 -27.31 -24.87 -3.49
C GLY B 375 -27.01 -23.39 -3.40
N CYS B 376 -27.78 -22.69 -2.57
CA CYS B 376 -27.54 -21.26 -2.36
C CYS B 376 -27.97 -20.92 -0.95
N VAL B 377 -27.14 -20.14 -0.26
CA VAL B 377 -27.46 -19.56 1.04
C VAL B 377 -27.49 -18.05 0.86
N MET B 378 -28.58 -17.42 1.30
CA MET B 378 -28.69 -15.96 1.30
C MET B 378 -28.79 -15.43 2.72
N THR B 379 -27.95 -14.44 3.02
CA THR B 379 -27.93 -13.73 4.29
C THR B 379 -27.21 -12.40 4.01
N GLN B 380 -27.12 -11.52 5.01
CA GLN B 380 -26.49 -10.19 4.84
C GLN B 380 -25.62 -9.87 6.06
N PHE B 381 -24.36 -10.27 6.01
CA PHE B 381 -23.38 -9.88 7.03
C PHE B 381 -22.04 -9.61 6.34
N LEU B 382 -21.59 -8.36 6.42
CA LEU B 382 -20.36 -7.94 5.75
C LEU B 382 -19.12 -8.39 6.53
N GLY B 383 -18.19 -9.06 5.83
CA GLY B 383 -16.97 -9.52 6.47
C GLY B 383 -17.15 -10.44 7.65
N SER B 384 -18.04 -11.42 7.49
CA SER B 384 -18.28 -12.40 8.56
C SER B 384 -17.01 -13.12 8.97
N GLN B 385 -16.83 -13.27 10.28
CA GLN B 385 -15.81 -14.16 10.84
C GLN B 385 -16.23 -15.62 10.78
N HIS B 386 -17.43 -15.92 10.30
CA HIS B 386 -17.95 -17.28 10.34
C HIS B 386 -18.32 -17.68 8.92
N PRO B 387 -17.79 -18.78 8.41
CA PRO B 387 -18.00 -19.13 6.98
C PRO B 387 -19.30 -19.87 6.76
N ILE B 388 -20.41 -19.15 6.93
CA ILE B 388 -21.73 -19.78 6.87
C ILE B 388 -21.94 -20.50 5.54
N GLY B 389 -21.49 -19.88 4.43
CA GLY B 389 -21.70 -20.53 3.14
C GLY B 389 -21.09 -21.92 3.09
N SER B 390 -19.81 -22.03 3.47
CA SER B 390 -19.15 -23.33 3.43
C SER B 390 -19.79 -24.30 4.43
N ASP B 391 -20.24 -23.78 5.58
CA ASP B 391 -20.90 -24.65 6.57
C ASP B 391 -22.18 -25.25 6.01
N MET B 392 -22.97 -24.44 5.31
CA MET B 392 -24.22 -24.92 4.71
C MET B 392 -23.95 -25.85 3.53
N GLN B 393 -22.95 -25.52 2.69
CA GLN B 393 -22.58 -26.51 1.68
C GLN B 393 -22.23 -27.85 2.33
N ALA B 394 -21.41 -27.83 3.39
CA ALA B 394 -20.97 -29.09 3.98
C ALA B 394 -22.17 -29.87 4.53
N ALA B 395 -23.11 -29.15 5.14
CA ALA B 395 -24.31 -29.81 5.66
C ALA B 395 -25.08 -30.48 4.54
N ALA B 396 -25.29 -29.74 3.43
CA ALA B 396 -26.00 -30.31 2.29
C ALA B 396 -25.27 -31.53 1.72
N MET B 397 -23.94 -31.44 1.57
CA MET B 397 -23.18 -32.59 1.09
C MET B 397 -23.39 -33.80 1.99
N SER B 398 -23.37 -33.57 3.30
CA SER B 398 -23.54 -34.64 4.28
C SER B 398 -24.94 -35.23 4.20
N MET B 399 -25.91 -34.51 3.65
CA MET B 399 -27.29 -34.99 3.59
C MET B 399 -27.64 -35.72 2.28
N LEU B 400 -26.74 -35.75 1.30
CA LEU B 400 -27.10 -36.23 -0.06
C LEU B 400 -26.27 -37.44 -0.56
#